data_8EEH
#
_entry.id   8EEH
#
_cell.length_a   63.989
_cell.length_b   97.868
_cell.length_c   141.607
_cell.angle_alpha   90.00
_cell.angle_beta   90.00
_cell.angle_gamma   90.00
#
_symmetry.space_group_name_H-M   'P 21 21 21'
#
loop_
_entity.id
_entity.type
_entity.pdbx_description
1 polymer 'Amine oxidase'
2 non-polymer 2-(1H-INDOL-3-YL)ETHANAMINE
3 non-polymer 'FLAVIN-ADENINE DINUCLEOTIDE'
4 water water
#
_entity_poly.entity_id   1
_entity_poly.type   'polypeptide(L)'
_entity_poly.pdbx_seq_one_letter_code
;MSKNKVVIIGAGFAGLVAARELQTAGIEYEILEAKDRIGGRAWTEERMGRPLELGATWVHWFQAHTWTEIMRYGQRTEIT
ASPSGNDAHWVTDGKVVKGTEDDLDEKLTAAMGVTYEGSEEYFPNPHDPLWVLSDDFDGPAEVRERFLSDDQTNAIDLVK
EAGFDQETIDLVDAFWCAGYIGDPYTGSALMAKQWGALSDNRYRVMEDITLKWKLNNGMRSLYDGIAGDLNTDIRLNTPV
AKVEHHDNGATVTTESGEVIEASAVICTVPVGALSNIEFSPALPDAVQSVIDDKWNSQGAKIWIKIKGHHRFLGYAPKPA
KMSVVRSEYFMDDDTTILVGFGYDNTNIDLNSIEDAQAVINQWRDDLEVVDTTGHNWVADKWAGQAWGTLRKGQFTQGWS
LFDDIDSQLFFAGSDYAYGWRGVCVDGALEKGMTTARQVINSMRETKEQ
;
_entity_poly.pdbx_strand_id   A,B
#
loop_
_chem_comp.id
_chem_comp.type
_chem_comp.name
_chem_comp.formula
FAD non-polymer 'FLAVIN-ADENINE DINUCLEOTIDE' 'C27 H33 N9 O15 P2'
TSS non-polymer 2-(1H-INDOL-3-YL)ETHANAMINE 'C10 H12 N2'
#
# COMPACT_ATOMS: atom_id res chain seq x y z
N LYS A 5 -20.45 18.30 15.92
CA LYS A 5 -21.64 17.53 16.04
C LYS A 5 -21.42 16.02 16.00
N VAL A 6 -20.36 15.57 15.35
CA VAL A 6 -19.98 14.17 15.45
C VAL A 6 -18.87 14.22 16.51
N VAL A 7 -18.97 13.43 17.57
CA VAL A 7 -17.97 13.39 18.62
C VAL A 7 -17.08 12.19 18.38
N ILE A 8 -15.77 12.44 18.29
CA ILE A 8 -14.75 11.40 18.18
C ILE A 8 -14.09 11.25 19.55
N ILE A 9 -14.14 10.04 20.11
CA ILE A 9 -13.52 9.75 21.41
C ILE A 9 -12.14 9.18 21.14
N GLY A 10 -11.12 9.96 21.47
CA GLY A 10 -9.75 9.51 21.35
C GLY A 10 -9.02 10.18 20.21
N ALA A 11 -7.80 10.63 20.47
CA ALA A 11 -6.97 11.29 19.49
C ALA A 11 -5.75 10.47 19.13
N GLY A 12 -5.93 9.15 19.03
CA GLY A 12 -4.93 8.30 18.38
C GLY A 12 -5.08 8.41 16.87
N PHE A 13 -4.38 7.51 16.16
CA PHE A 13 -4.40 7.60 14.70
C PHE A 13 -5.82 7.43 14.14
N ALA A 14 -6.61 6.53 14.74
CA ALA A 14 -7.94 6.29 14.17
C ALA A 14 -8.83 7.52 14.30
N GLY A 15 -8.80 8.17 15.47
CA GLY A 15 -9.63 9.34 15.66
C GLY A 15 -9.14 10.55 14.89
N LEU A 16 -7.82 10.72 14.80
CA LEU A 16 -7.29 11.82 14.00
C LEU A 16 -7.65 11.67 12.53
N VAL A 17 -7.52 10.46 11.99
CA VAL A 17 -7.80 10.31 10.56
C VAL A 17 -9.31 10.36 10.31
N ALA A 18 -10.12 9.90 11.26
CA ALA A 18 -11.56 10.03 11.11
C ALA A 18 -11.97 11.49 11.09
N ALA A 19 -11.35 12.31 11.95
CA ALA A 19 -11.67 13.72 11.98
C ALA A 19 -11.33 14.39 10.65
N ARG A 20 -10.12 14.14 10.13
CA ARG A 20 -9.73 14.72 8.84
C ARG A 20 -10.68 14.30 7.72
N GLU A 21 -11.14 13.06 7.76
CA GLU A 21 -12.06 12.56 6.74
C GLU A 21 -13.42 13.26 6.84
N LEU A 22 -13.93 13.43 8.05
CA LEU A 22 -15.15 14.20 8.24
C LEU A 22 -14.96 15.65 7.81
N GLN A 23 -13.78 16.21 8.08
CA GLN A 23 -13.51 17.58 7.66
C GLN A 23 -13.57 17.72 6.13
N THR A 24 -13.02 16.74 5.40
CA THR A 24 -13.12 16.74 3.95
C THR A 24 -14.57 16.79 3.48
N ALA A 25 -15.44 16.04 4.14
CA ALA A 25 -16.85 16.00 3.77
C ALA A 25 -17.64 17.16 4.34
N GLY A 26 -16.97 18.15 4.94
CA GLY A 26 -17.69 19.30 5.47
C GLY A 26 -18.56 19.00 6.67
N ILE A 27 -18.26 17.94 7.42
CA ILE A 27 -19.09 17.52 8.54
C ILE A 27 -18.43 17.98 9.83
N GLU A 28 -19.23 18.64 10.67
CA GLU A 28 -18.79 19.19 11.94
C GLU A 28 -18.43 18.07 12.93
N TYR A 29 -17.30 18.23 13.62
CA TYR A 29 -16.82 17.21 14.54
C TYR A 29 -16.15 17.85 15.75
N GLU A 30 -15.97 17.04 16.80
CA GLU A 30 -15.19 17.41 17.97
C GLU A 30 -14.45 16.18 18.47
N ILE A 31 -13.15 16.33 18.75
CA ILE A 31 -12.32 15.23 19.27
C ILE A 31 -12.11 15.45 20.75
N LEU A 32 -12.43 14.45 21.56
CA LEU A 32 -12.20 14.47 22.99
C LEU A 32 -11.14 13.43 23.35
N GLU A 33 -10.02 13.88 23.93
CA GLU A 33 -8.91 13.01 24.28
C GLU A 33 -8.70 13.06 25.80
N ALA A 34 -8.62 11.89 26.43
CA ALA A 34 -8.48 11.81 27.89
C ALA A 34 -7.14 12.32 28.39
N LYS A 35 -6.08 12.14 27.59
CA LYS A 35 -4.72 12.49 27.96
C LYS A 35 -4.40 13.95 27.60
N ASP A 36 -3.21 14.39 28.01
CA ASP A 36 -2.72 15.71 27.65
C ASP A 36 -1.85 15.69 26.40
N ARG A 37 -1.92 14.60 25.62
CA ARG A 37 -1.12 14.42 24.42
C ARG A 37 -1.95 13.65 23.41
N ILE A 38 -1.62 13.82 22.14
CA ILE A 38 -2.26 13.04 21.08
C ILE A 38 -1.31 11.93 20.66
N GLY A 39 -1.83 10.97 19.89
CA GLY A 39 -1.04 9.88 19.36
C GLY A 39 -1.40 8.52 19.90
N GLY A 40 -1.99 8.46 21.10
CA GLY A 40 -2.42 7.19 21.66
C GLY A 40 -1.27 6.21 21.81
N ARG A 41 -1.48 4.97 21.36
CA ARG A 41 -0.46 3.94 21.51
C ARG A 41 0.71 4.11 20.54
N ALA A 42 0.70 5.12 19.68
CA ALA A 42 1.89 5.59 18.99
C ALA A 42 2.42 6.78 19.77
N TRP A 43 3.67 6.73 20.21
CA TRP A 43 4.16 7.75 21.15
C TRP A 43 5.68 7.91 21.01
N THR A 44 6.10 8.95 20.27
CA THR A 44 7.52 9.25 20.09
C THR A 44 7.95 10.25 21.16
N GLU A 45 8.92 9.86 22.00
CA GLU A 45 9.25 10.63 23.20
C GLU A 45 10.76 10.70 23.43
N GLU A 46 11.17 11.77 24.10
CA GLU A 46 12.57 12.13 24.34
C GLU A 46 13.09 11.33 25.54
N ARG A 47 13.76 10.20 25.28
CA ARG A 47 14.22 9.33 26.36
C ARG A 47 15.61 8.79 26.06
N MET A 48 16.42 8.67 27.11
CA MET A 48 17.78 8.11 27.02
C MET A 48 18.62 8.81 25.95
N GLY A 49 18.37 10.11 25.75
CA GLY A 49 19.11 10.89 24.78
C GLY A 49 18.71 10.67 23.34
N ARG A 50 17.57 10.04 23.09
CA ARG A 50 17.13 9.82 21.72
C ARG A 50 15.61 9.91 21.66
N PRO A 51 15.06 10.44 20.58
CA PRO A 51 13.65 10.17 20.28
C PRO A 51 13.46 8.66 20.15
N LEU A 52 12.63 8.11 21.04
CA LEU A 52 12.41 6.67 21.09
C LEU A 52 10.92 6.39 20.88
N GLU A 53 10.63 5.31 20.17
CA GLU A 53 9.27 4.84 19.95
C GLU A 53 8.78 4.04 21.17
N LEU A 54 7.98 4.67 22.03
CA LEU A 54 7.50 3.96 23.21
C LEU A 54 6.35 3.02 22.88
N GLY A 55 5.76 3.19 21.70
CA GLY A 55 4.67 2.36 21.23
C GLY A 55 5.06 1.62 19.97
N ALA A 56 4.58 2.09 18.82
CA ALA A 56 4.89 1.47 17.53
C ALA A 56 6.08 2.17 16.90
N THR A 57 6.67 1.57 15.86
CA THR A 57 7.84 2.18 15.22
C THR A 57 8.13 1.75 13.77
N TRP A 58 7.75 0.53 13.39
CA TRP A 58 8.05 0.07 12.04
C TRP A 58 6.95 0.29 11.01
N VAL A 59 7.34 0.55 9.75
CA VAL A 59 6.44 0.87 8.63
C VAL A 59 6.93 0.18 7.36
N HIS A 60 6.13 0.26 6.28
CA HIS A 60 6.53 -0.34 5.01
C HIS A 60 5.60 0.17 3.92
N TRP A 61 6.14 0.29 2.70
CA TRP A 61 5.33 0.74 1.57
C TRP A 61 4.27 -0.28 1.14
N PHE A 62 4.32 -1.51 1.64
CA PHE A 62 3.21 -2.44 1.38
C PHE A 62 2.05 -2.25 2.37
N GLN A 63 2.11 -1.25 3.26
CA GLN A 63 1.00 -0.91 4.17
C GLN A 63 0.33 0.32 3.58
N ALA A 64 -0.81 0.14 2.91
CA ALA A 64 -1.33 1.18 2.03
C ALA A 64 -1.64 2.45 2.81
N HIS A 65 -2.30 2.33 3.96
CA HIS A 65 -2.77 3.52 4.66
C HIS A 65 -1.61 4.25 5.31
N THR A 66 -0.72 3.51 6.00
CA THR A 66 0.47 4.12 6.58
C THR A 66 1.34 4.76 5.52
N TRP A 67 1.56 4.08 4.39
CA TRP A 67 2.45 4.63 3.38
C TRP A 67 1.88 5.91 2.77
N THR A 68 0.55 5.99 2.57
CA THR A 68 0.01 7.22 1.99
C THR A 68 0.21 8.40 2.94
N GLU A 69 0.10 8.16 4.25
CA GLU A 69 0.39 9.22 5.21
C GLU A 69 1.86 9.57 5.22
N ILE A 70 2.74 8.57 5.12
CA ILE A 70 4.17 8.84 5.00
C ILE A 70 4.43 9.76 3.82
N MET A 71 3.82 9.46 2.67
CA MET A 71 3.99 10.34 1.51
C MET A 71 3.38 11.71 1.76
N ARG A 72 2.18 11.76 2.34
CA ARG A 72 1.47 13.02 2.54
C ARG A 72 2.30 14.01 3.36
N TYR A 73 2.91 13.54 4.45
CA TYR A 73 3.56 14.44 5.39
C TYR A 73 5.07 14.47 5.22
N GLY A 74 5.56 14.18 4.02
CA GLY A 74 6.94 14.44 3.68
C GLY A 74 7.97 13.46 4.18
N GLN A 75 7.57 12.26 4.60
CA GLN A 75 8.50 11.30 5.17
C GLN A 75 8.95 10.22 4.18
N ARG A 76 8.68 10.41 2.88
CA ARG A 76 9.01 9.42 1.85
C ARG A 76 10.42 8.86 1.98
N THR A 77 11.43 9.73 2.13
CA THR A 77 12.81 9.27 2.24
C THR A 77 13.32 9.20 3.67
N GLU A 78 12.47 9.46 4.65
CA GLU A 78 12.92 9.50 6.04
C GLU A 78 12.63 8.19 6.78
N ILE A 79 13.12 7.09 6.21
CA ILE A 79 13.05 5.77 6.82
C ILE A 79 14.43 5.16 6.80
N THR A 80 14.72 4.37 7.83
CA THR A 80 16.01 3.72 8.01
C THR A 80 15.78 2.28 8.46
N ALA A 81 16.51 1.34 7.85
CA ALA A 81 16.32 -0.05 8.21
C ALA A 81 17.00 -0.36 9.55
N SER A 82 16.38 -1.24 10.33
CA SER A 82 17.01 -1.70 11.56
C SER A 82 18.31 -2.43 11.23
N PRO A 83 19.27 -2.43 12.16
CA PRO A 83 20.56 -3.06 11.87
C PRO A 83 20.46 -4.57 11.85
N SER A 84 21.40 -5.19 11.15
CA SER A 84 21.50 -6.64 11.11
C SER A 84 22.76 -7.11 11.84
N GLY A 85 22.81 -8.41 12.13
CA GLY A 85 23.95 -9.02 12.78
C GLY A 85 24.24 -10.39 12.18
N ASN A 86 25.34 -10.99 12.64
CA ASN A 86 25.76 -12.28 12.14
C ASN A 86 25.22 -13.45 12.97
N ASP A 87 25.18 -13.32 14.29
CA ASP A 87 24.87 -14.44 15.17
C ASP A 87 23.61 -14.15 15.97
N ALA A 88 22.92 -15.23 16.36
CA ALA A 88 21.76 -15.15 17.23
C ALA A 88 21.98 -16.05 18.44
N HIS A 89 21.38 -15.66 19.56
CA HIS A 89 21.37 -16.46 20.79
C HIS A 89 19.95 -16.90 21.06
N TRP A 90 19.77 -18.17 21.41
CA TRP A 90 18.42 -18.68 21.70
C TRP A 90 18.42 -19.75 22.79
N VAL A 91 17.27 -19.92 23.44
CA VAL A 91 17.12 -20.89 24.50
C VAL A 91 16.09 -21.95 24.13
N THR A 92 16.57 -23.16 23.81
CA THR A 92 15.69 -24.25 23.43
C THR A 92 15.24 -25.08 24.63
N ASP A 93 16.18 -25.76 25.26
CA ASP A 93 15.87 -26.60 26.42
C ASP A 93 16.66 -26.18 27.66
N GLY A 94 16.22 -25.11 28.31
CA GLY A 94 16.89 -24.61 29.50
C GLY A 94 18.38 -24.41 29.31
N LYS A 95 18.76 -23.98 28.11
CA LYS A 95 20.16 -23.74 27.79
C LYS A 95 20.30 -22.74 26.65
N VAL A 96 21.34 -21.92 26.71
CA VAL A 96 21.59 -20.92 25.68
C VAL A 96 22.35 -21.50 24.50
N VAL A 97 21.80 -21.32 23.30
CA VAL A 97 22.43 -21.82 22.08
C VAL A 97 22.83 -20.61 21.25
N LYS A 98 24.06 -20.62 20.75
CA LYS A 98 24.53 -19.56 19.86
C LYS A 98 24.72 -20.13 18.46
N GLY A 99 24.13 -19.48 17.48
CA GLY A 99 24.24 -19.91 16.11
C GLY A 99 24.22 -18.72 15.17
N THR A 100 24.40 -19.00 13.89
CA THR A 100 24.37 -17.93 12.91
C THR A 100 22.93 -17.47 12.68
N GLU A 101 22.78 -16.17 12.40
CA GLU A 101 21.45 -15.66 12.08
C GLU A 101 20.90 -16.33 10.82
N ASP A 102 21.77 -16.70 9.88
CA ASP A 102 21.35 -17.46 8.72
C ASP A 102 20.70 -18.77 9.13
N ASP A 103 21.30 -19.48 10.08
CA ASP A 103 20.73 -20.74 10.54
C ASP A 103 19.42 -20.51 11.29
N LEU A 104 19.35 -19.41 12.04
CA LEU A 104 18.11 -19.05 12.71
C LEU A 104 16.99 -18.79 11.72
N ASP A 105 17.26 -18.00 10.68
CA ASP A 105 16.20 -17.65 9.74
C ASP A 105 15.76 -18.84 8.90
N GLU A 106 16.64 -19.84 8.72
CA GLU A 106 16.22 -21.05 8.02
C GLU A 106 15.24 -21.85 8.87
N LYS A 107 15.51 -21.99 10.16
CA LYS A 107 14.57 -22.71 11.02
C LYS A 107 13.25 -21.97 11.12
N LEU A 108 13.31 -20.65 11.29
CA LEU A 108 12.08 -19.86 11.35
C LEU A 108 11.34 -19.89 10.02
N THR A 109 12.08 -19.85 8.89
CA THR A 109 11.42 -19.90 7.60
C THR A 109 10.66 -21.21 7.42
N ALA A 110 11.29 -22.33 7.81
CA ALA A 110 10.62 -23.62 7.69
C ALA A 110 9.40 -23.71 8.61
N ALA A 111 9.51 -23.15 9.82
CA ALA A 111 8.38 -23.17 10.73
C ALA A 111 7.23 -22.30 10.23
N MET A 112 7.56 -21.14 9.66
CA MET A 112 6.51 -20.27 9.12
C MET A 112 5.83 -20.89 7.89
N GLY A 113 6.57 -21.66 7.10
CA GLY A 113 5.94 -22.34 5.98
C GLY A 113 4.82 -23.25 6.45
N VAL A 114 5.02 -23.93 7.57
CA VAL A 114 3.97 -24.72 8.19
C VAL A 114 2.91 -23.82 8.82
N THR A 115 3.34 -22.73 9.46
CA THR A 115 2.37 -21.85 10.10
C THR A 115 1.44 -21.21 9.09
N TYR A 116 1.93 -20.96 7.86
CA TYR A 116 1.14 -20.29 6.84
C TYR A 116 0.20 -21.20 6.05
N GLU A 117 0.35 -22.51 6.24
CA GLU A 117 -0.45 -23.48 5.50
C GLU A 117 -1.90 -23.18 5.53
N GLY A 118 -2.48 -23.08 4.37
CA GLY A 118 -3.85 -22.79 4.21
C GLY A 118 -4.10 -21.34 3.88
N SER A 119 -3.11 -20.50 4.03
CA SER A 119 -3.43 -19.09 3.85
C SER A 119 -3.79 -18.76 2.40
N GLU A 120 -3.28 -19.53 1.43
CA GLU A 120 -3.66 -19.24 0.05
C GLU A 120 -5.11 -19.59 -0.22
N GLU A 121 -5.64 -20.62 0.45
CA GLU A 121 -7.05 -20.96 0.30
C GLU A 121 -7.95 -20.10 1.18
N TYR A 122 -7.45 -19.65 2.33
CA TYR A 122 -8.26 -18.81 3.20
C TYR A 122 -8.35 -17.38 2.71
N PHE A 123 -7.27 -16.84 2.16
CA PHE A 123 -7.12 -15.40 1.99
C PHE A 123 -6.65 -15.02 0.57
N PRO A 124 -7.37 -15.43 -0.47
CA PRO A 124 -6.97 -14.96 -1.82
C PRO A 124 -6.98 -13.44 -1.92
N ASN A 125 -7.95 -12.78 -1.27
CA ASN A 125 -7.91 -11.35 -1.01
C ASN A 125 -7.62 -11.21 0.48
N PRO A 126 -6.40 -10.87 0.87
CA PRO A 126 -6.06 -10.83 2.30
C PRO A 126 -6.73 -9.71 3.07
N HIS A 127 -7.46 -8.81 2.40
CA HIS A 127 -8.26 -7.82 3.11
C HIS A 127 -9.72 -8.23 3.20
N ASP A 128 -10.02 -9.50 2.91
CA ASP A 128 -11.33 -10.11 3.16
C ASP A 128 -11.14 -11.32 4.05
N PRO A 129 -10.79 -11.11 5.33
CA PRO A 129 -10.35 -12.22 6.19
C PRO A 129 -11.41 -13.25 6.46
N LEU A 130 -12.70 -12.91 6.37
CA LEU A 130 -13.76 -13.87 6.67
C LEU A 130 -14.37 -14.46 5.41
N TRP A 131 -13.68 -14.40 4.29
CA TRP A 131 -14.25 -14.89 3.04
C TRP A 131 -14.58 -16.38 3.12
N VAL A 132 -13.80 -17.17 3.87
CA VAL A 132 -14.09 -18.60 3.97
C VAL A 132 -15.46 -18.82 4.61
N LEU A 133 -15.93 -17.89 5.43
CA LEU A 133 -17.22 -18.02 6.09
C LEU A 133 -18.36 -17.38 5.31
N SER A 134 -18.08 -16.85 4.12
CA SER A 134 -19.08 -16.10 3.37
C SER A 134 -20.05 -17.07 2.66
N ASP A 135 -21.21 -16.52 2.25
CA ASP A 135 -22.29 -17.36 1.75
C ASP A 135 -21.94 -18.06 0.43
N ASP A 136 -21.08 -17.48 -0.40
CA ASP A 136 -20.78 -18.05 -1.71
C ASP A 136 -19.36 -18.58 -1.79
N PHE A 137 -18.71 -18.78 -0.64
CA PHE A 137 -17.40 -19.41 -0.62
C PHE A 137 -17.43 -20.68 -1.46
N ASP A 138 -16.49 -20.79 -2.40
CA ASP A 138 -16.54 -21.84 -3.41
C ASP A 138 -15.48 -22.93 -3.26
N GLY A 139 -14.74 -22.93 -2.15
CA GLY A 139 -13.78 -23.99 -1.91
C GLY A 139 -14.42 -25.20 -1.27
N PRO A 140 -13.63 -26.25 -1.10
CA PRO A 140 -14.15 -27.49 -0.51
C PRO A 140 -14.52 -27.30 0.96
N ALA A 141 -15.42 -28.19 1.42
CA ALA A 141 -15.87 -28.14 2.80
C ALA A 141 -14.74 -28.46 3.77
N GLU A 142 -13.70 -29.15 3.31
CA GLU A 142 -12.55 -29.41 4.17
C GLU A 142 -11.89 -28.09 4.58
N VAL A 143 -11.75 -27.19 3.60
CA VAL A 143 -11.14 -25.89 3.85
C VAL A 143 -12.02 -25.06 4.77
N ARG A 144 -13.27 -25.47 4.91
CA ARG A 144 -14.23 -24.77 5.76
C ARG A 144 -14.19 -25.33 7.18
N GLU A 145 -13.66 -26.54 7.31
CA GLU A 145 -13.56 -27.20 8.61
C GLU A 145 -12.20 -26.93 9.24
N ARG A 146 -11.21 -26.62 8.40
CA ARG A 146 -9.87 -26.33 8.86
C ARG A 146 -9.74 -24.89 9.32
N PHE A 147 -10.45 -23.96 8.66
CA PHE A 147 -10.45 -22.54 9.03
C PHE A 147 -10.95 -22.36 10.47
N LEU A 148 -12.16 -22.86 10.75
CA LEU A 148 -12.71 -22.74 12.10
C LEU A 148 -11.84 -23.48 13.12
N SER A 149 -11.27 -24.62 12.73
CA SER A 149 -10.40 -25.35 13.63
C SER A 149 -9.15 -24.53 13.95
N ASP A 150 -8.63 -23.79 12.97
CA ASP A 150 -7.41 -23.01 13.18
C ASP A 150 -7.65 -21.83 14.11
N ASP A 151 -8.88 -21.31 14.16
CA ASP A 151 -9.17 -20.22 15.09
C ASP A 151 -9.01 -20.67 16.52
N GLN A 152 -9.21 -21.98 16.78
CA GLN A 152 -9.12 -22.54 18.11
C GLN A 152 -7.77 -23.14 18.43
N THR A 153 -6.83 -23.08 17.50
CA THR A 153 -5.49 -23.61 17.69
C THR A 153 -4.51 -22.46 17.86
N ASN A 154 -3.49 -22.65 18.69
CA ASN A 154 -2.46 -21.63 18.76
C ASN A 154 -1.36 -21.94 17.74
N ALA A 155 -0.55 -20.92 17.45
CA ALA A 155 0.43 -21.02 16.37
C ALA A 155 1.59 -21.94 16.70
N ILE A 156 1.84 -22.19 17.99
CA ILE A 156 2.90 -23.12 18.38
C ILE A 156 2.47 -24.56 18.17
N ASP A 157 1.23 -24.90 18.50
CA ASP A 157 0.76 -26.27 18.33
C ASP A 157 0.79 -26.70 16.86
N LEU A 158 0.61 -25.78 15.92
CA LEU A 158 0.76 -26.16 14.52
C LEU A 158 2.17 -26.64 14.22
N VAL A 159 3.16 -26.02 14.85
CA VAL A 159 4.55 -26.41 14.60
C VAL A 159 4.88 -27.72 15.33
N LYS A 160 4.35 -27.90 16.54
CA LYS A 160 4.58 -29.16 17.26
C LYS A 160 3.95 -30.34 16.52
N GLU A 161 2.74 -30.16 16.00
CA GLU A 161 2.05 -31.27 15.32
C GLU A 161 2.73 -31.66 14.03
N ALA A 162 3.41 -30.73 13.35
CA ALA A 162 4.17 -31.05 12.15
C ALA A 162 5.46 -31.80 12.44
N GLY A 163 5.76 -32.08 13.70
CA GLY A 163 6.92 -32.88 14.03
C GLY A 163 8.23 -32.14 14.10
N PHE A 164 8.21 -30.82 14.26
CA PHE A 164 9.46 -30.08 14.47
C PHE A 164 10.05 -30.42 15.83
N ASP A 165 11.37 -30.27 15.94
CA ASP A 165 12.05 -30.63 17.18
C ASP A 165 11.88 -29.53 18.23
N GLN A 166 12.39 -29.79 19.44
CA GLN A 166 12.17 -28.85 20.55
C GLN A 166 12.86 -27.51 20.30
N GLU A 167 13.96 -27.50 19.56
CA GLU A 167 14.63 -26.24 19.29
C GLU A 167 13.73 -25.31 18.48
N THR A 168 13.13 -25.82 17.42
CA THR A 168 12.23 -25.01 16.62
C THR A 168 10.98 -24.62 17.40
N ILE A 169 10.49 -25.52 18.25
CA ILE A 169 9.32 -25.21 19.08
C ILE A 169 9.63 -24.03 19.99
N ASP A 170 10.81 -24.04 20.61
CA ASP A 170 11.22 -22.96 21.51
C ASP A 170 11.48 -21.67 20.75
N LEU A 171 11.98 -21.75 19.52
CA LEU A 171 12.19 -20.56 18.71
C LEU A 171 10.85 -19.91 18.33
N VAL A 172 9.86 -20.69 17.93
CA VAL A 172 8.57 -20.08 17.56
C VAL A 172 7.81 -19.68 18.81
N ASP A 173 8.03 -20.37 19.93
CA ASP A 173 7.49 -19.91 21.21
C ASP A 173 7.91 -18.47 21.47
N ALA A 174 9.23 -18.21 21.44
CA ALA A 174 9.74 -16.86 21.64
C ALA A 174 9.18 -15.89 20.61
N PHE A 175 9.22 -16.29 19.34
CA PHE A 175 8.75 -15.42 18.27
C PHE A 175 7.33 -14.94 18.51
N TRP A 176 6.44 -15.86 18.86
CA TRP A 176 5.04 -15.47 19.01
C TRP A 176 4.74 -14.86 20.38
N CYS A 177 5.61 -15.07 21.38
CA CYS A 177 5.52 -14.25 22.59
C CYS A 177 5.61 -12.78 22.23
N ALA A 178 6.52 -12.44 21.31
CA ALA A 178 6.63 -11.07 20.84
C ALA A 178 5.48 -10.72 19.90
N GLY A 179 5.19 -11.59 18.94
CA GLY A 179 4.17 -11.25 17.94
C GLY A 179 2.78 -11.10 18.54
N TYR A 180 2.44 -11.99 19.46
CA TYR A 180 1.13 -11.95 20.10
C TYR A 180 1.11 -11.08 21.35
N ILE A 181 2.24 -10.41 21.60
CA ILE A 181 2.44 -9.51 22.75
C ILE A 181 1.79 -9.97 24.06
N GLY A 182 2.08 -11.22 24.44
CA GLY A 182 1.55 -11.81 25.65
C GLY A 182 1.78 -13.31 25.63
N ASP A 183 0.77 -14.07 26.04
CA ASP A 183 0.90 -15.54 26.03
C ASP A 183 0.49 -16.09 24.67
N PRO A 184 1.40 -16.69 23.89
CA PRO A 184 1.00 -17.17 22.56
C PRO A 184 0.14 -18.41 22.62
N TYR A 185 0.19 -19.16 23.73
CA TYR A 185 -0.57 -20.40 23.80
C TYR A 185 -2.07 -20.16 23.90
N THR A 186 -2.49 -18.96 24.30
CA THR A 186 -3.92 -18.65 24.31
C THR A 186 -4.37 -17.99 23.02
N GLY A 187 -3.46 -17.83 22.05
CA GLY A 187 -3.75 -17.06 20.85
C GLY A 187 -4.36 -17.90 19.73
N SER A 188 -4.90 -17.19 18.74
CA SER A 188 -5.52 -17.79 17.56
C SER A 188 -4.51 -17.84 16.42
N ALA A 189 -4.26 -19.04 15.90
CA ALA A 189 -3.34 -19.23 14.79
C ALA A 189 -3.75 -18.46 13.53
N LEU A 190 -5.03 -18.15 13.37
CA LEU A 190 -5.46 -17.44 12.16
C LEU A 190 -4.88 -16.04 12.10
N MET A 191 -4.52 -15.43 13.24
CA MET A 191 -3.82 -14.16 13.20
C MET A 191 -2.52 -14.30 12.44
N ALA A 192 -1.71 -15.31 12.80
CA ALA A 192 -0.46 -15.57 12.12
C ALA A 192 -0.67 -15.87 10.66
N LYS A 193 -1.71 -16.66 10.33
CA LYS A 193 -1.97 -16.99 8.94
C LYS A 193 -2.36 -15.75 8.14
N GLN A 194 -3.12 -14.82 8.71
CA GLN A 194 -3.45 -13.62 7.93
C GLN A 194 -2.24 -12.72 7.77
N TRP A 195 -1.39 -12.60 8.80
CA TRP A 195 -0.13 -11.88 8.63
C TRP A 195 0.62 -12.41 7.40
N GLY A 196 0.68 -13.73 7.26
CA GLY A 196 1.39 -14.30 6.13
C GLY A 196 0.76 -13.90 4.80
N ALA A 197 -0.57 -13.98 4.72
CA ALA A 197 -1.27 -13.64 3.48
C ALA A 197 -1.05 -12.18 3.09
N LEU A 198 -1.03 -11.28 4.07
CA LEU A 198 -0.73 -9.87 3.82
C LEU A 198 0.72 -9.66 3.43
N SER A 199 1.57 -10.67 3.58
CA SER A 199 2.99 -10.57 3.33
C SER A 199 3.41 -11.49 2.18
N ASP A 200 2.51 -11.70 1.22
CA ASP A 200 2.75 -12.58 0.08
C ASP A 200 3.12 -14.00 0.52
N ASN A 201 2.70 -14.39 1.72
CA ASN A 201 2.96 -15.73 2.29
C ASN A 201 4.45 -16.06 2.36
N ARG A 202 5.28 -15.05 2.64
CA ARG A 202 6.72 -15.25 2.74
C ARG A 202 7.23 -14.63 4.03
N TYR A 203 7.97 -15.41 4.81
CA TYR A 203 8.41 -14.97 6.12
C TYR A 203 9.26 -13.70 6.02
N ARG A 204 10.13 -13.65 5.01
CA ARG A 204 11.02 -12.49 4.90
C ARG A 204 10.23 -11.23 4.58
N VAL A 205 9.17 -11.36 3.79
CA VAL A 205 8.32 -10.20 3.53
C VAL A 205 7.59 -9.79 4.80
N MET A 206 7.12 -10.77 5.58
CA MET A 206 6.48 -10.44 6.86
C MET A 206 7.41 -9.63 7.75
N GLU A 207 8.67 -10.05 7.83
CA GLU A 207 9.64 -9.33 8.66
C GLU A 207 9.98 -7.96 8.08
N ASP A 208 10.07 -7.87 6.75
CA ASP A 208 10.29 -6.57 6.11
C ASP A 208 9.18 -5.58 6.46
N ILE A 209 7.93 -6.05 6.53
CA ILE A 209 6.80 -5.14 6.71
C ILE A 209 6.68 -4.71 8.18
N THR A 210 6.97 -5.60 9.12
CA THR A 210 6.63 -5.33 10.51
C THR A 210 7.84 -4.96 11.38
N LEU A 211 9.08 -5.20 10.92
CA LEU A 211 10.23 -5.16 11.82
C LEU A 211 11.50 -4.68 11.14
N LYS A 212 11.40 -3.81 10.12
CA LYS A 212 12.60 -3.43 9.40
C LYS A 212 12.77 -1.91 9.31
N TRP A 213 11.82 -1.21 8.68
CA TRP A 213 11.99 0.20 8.36
C TRP A 213 11.41 1.07 9.47
N LYS A 214 12.21 1.98 10.01
CA LYS A 214 11.78 2.89 11.07
C LYS A 214 11.70 4.31 10.54
N LEU A 215 10.72 5.06 11.06
CA LEU A 215 10.59 6.47 10.72
C LEU A 215 11.66 7.28 11.46
N ASN A 216 12.53 7.96 10.71
CA ASN A 216 13.57 8.79 11.30
C ASN A 216 12.98 9.81 12.26
N ASN A 217 11.84 10.40 11.90
CA ASN A 217 11.20 11.45 12.68
C ASN A 217 10.07 10.94 13.56
N GLY A 218 9.94 9.62 13.69
CA GLY A 218 8.98 9.03 14.61
C GLY A 218 7.56 9.04 14.07
N MET A 219 6.70 8.29 14.76
CA MET A 219 5.27 8.32 14.45
C MET A 219 4.72 9.72 14.64
N ARG A 220 5.36 10.49 15.51
CA ARG A 220 4.95 11.86 15.76
C ARG A 220 4.91 12.67 14.47
N SER A 221 5.82 12.42 13.53
CA SER A 221 5.78 13.16 12.28
C SER A 221 4.47 12.94 11.54
N LEU A 222 3.84 11.78 11.76
CA LEU A 222 2.59 11.47 11.08
C LEU A 222 1.36 11.93 11.88
N TYR A 223 1.30 11.61 13.19
CA TYR A 223 0.08 12.01 13.88
C TYR A 223 0.02 13.50 14.15
N ASP A 224 1.16 14.19 14.30
CA ASP A 224 1.13 15.64 14.34
C ASP A 224 0.78 16.23 12.98
N GLY A 225 1.17 15.56 11.90
CA GLY A 225 0.76 16.01 10.58
C GLY A 225 -0.74 16.02 10.44
N ILE A 226 -1.39 14.90 10.80
CA ILE A 226 -2.84 14.81 10.67
C ILE A 226 -3.51 15.85 11.56
N ALA A 227 -3.06 15.97 12.80
CA ALA A 227 -3.67 16.93 13.72
C ALA A 227 -3.46 18.35 13.22
N GLY A 228 -2.31 18.63 12.62
CA GLY A 228 -2.05 19.94 12.04
C GLY A 228 -2.96 20.31 10.88
N ASP A 229 -3.66 19.33 10.31
CA ASP A 229 -4.62 19.59 9.24
C ASP A 229 -6.01 19.97 9.75
N LEU A 230 -6.30 19.69 11.01
CA LEU A 230 -7.65 19.85 11.53
C LEU A 230 -7.93 21.33 11.79
N ASN A 231 -9.17 21.76 11.49
CA ASN A 231 -9.60 23.13 11.73
C ASN A 231 -10.39 23.27 13.03
N THR A 232 -10.32 22.29 13.91
CA THR A 232 -11.06 22.29 15.16
C THR A 232 -10.11 21.80 16.24
N ASP A 233 -10.00 22.55 17.32
CA ASP A 233 -9.02 22.20 18.36
C ASP A 233 -9.40 20.89 19.03
N ILE A 234 -8.41 20.03 19.25
CA ILE A 234 -8.63 18.81 20.00
C ILE A 234 -8.78 19.17 21.47
N ARG A 235 -9.79 18.58 22.12
CA ARG A 235 -10.04 18.84 23.54
C ARG A 235 -9.28 17.81 24.37
N LEU A 236 -8.08 18.20 24.78
CA LEU A 236 -7.25 17.35 25.61
C LEU A 236 -7.77 17.34 27.05
N ASN A 237 -7.27 16.40 27.83
CA ASN A 237 -7.61 16.28 29.25
C ASN A 237 -9.13 16.27 29.44
N THR A 238 -9.84 15.65 28.50
CA THR A 238 -11.29 15.58 28.51
C THR A 238 -11.70 14.12 28.36
N PRO A 239 -11.59 13.34 29.44
CA PRO A 239 -12.01 11.93 29.37
C PRO A 239 -13.53 11.82 29.28
N VAL A 240 -13.99 10.90 28.44
CA VAL A 240 -15.40 10.57 28.32
C VAL A 240 -15.75 9.50 29.36
N ALA A 241 -16.88 9.71 30.05
CA ALA A 241 -17.33 8.75 31.05
C ALA A 241 -18.59 7.99 30.65
N LYS A 242 -19.44 8.59 29.81
CA LYS A 242 -20.72 8.00 29.48
C LYS A 242 -21.04 8.27 28.02
N VAL A 243 -21.59 7.27 27.34
CA VAL A 243 -22.08 7.42 25.97
C VAL A 243 -23.51 6.92 25.94
N GLU A 244 -24.46 7.82 25.68
CA GLU A 244 -25.84 7.45 25.43
C GLU A 244 -26.09 7.50 23.94
N HIS A 245 -26.54 6.40 23.35
CA HIS A 245 -26.72 6.29 21.91
C HIS A 245 -28.12 5.78 21.61
N HIS A 246 -28.86 6.54 20.83
CA HIS A 246 -30.23 6.20 20.53
C HIS A 246 -30.40 6.16 19.01
N ASP A 247 -31.65 6.24 18.56
CA ASP A 247 -31.93 6.40 17.14
C ASP A 247 -31.68 7.83 16.70
N ASN A 248 -32.20 8.82 17.45
CA ASN A 248 -31.87 10.21 17.19
C ASN A 248 -30.63 10.58 17.98
N GLY A 249 -29.48 10.51 17.31
CA GLY A 249 -28.20 10.97 17.78
C GLY A 249 -27.76 10.33 19.10
N ALA A 250 -26.87 11.05 19.79
CA ALA A 250 -26.22 10.48 20.95
C ALA A 250 -25.85 11.61 21.92
N THR A 251 -25.53 11.22 23.14
CA THR A 251 -25.07 12.15 24.15
C THR A 251 -23.81 11.63 24.82
N VAL A 252 -22.83 12.51 25.01
CA VAL A 252 -21.56 12.16 25.63
C VAL A 252 -21.37 13.02 26.87
N THR A 253 -21.09 12.37 28.00
CA THR A 253 -20.80 13.07 29.24
C THR A 253 -19.34 12.87 29.62
N THR A 254 -18.62 13.97 29.82
CA THR A 254 -17.22 13.89 30.17
C THR A 254 -17.06 13.62 31.66
N GLU A 255 -15.85 13.21 32.05
CA GLU A 255 -15.51 12.93 33.44
C GLU A 255 -15.91 14.09 34.36
N SER A 256 -15.91 15.31 33.86
CA SER A 256 -16.21 16.49 34.66
C SER A 256 -17.69 16.82 34.72
N GLY A 257 -18.52 16.15 33.92
CA GLY A 257 -19.94 16.39 33.90
C GLY A 257 -20.44 17.20 32.72
N GLU A 258 -19.54 17.65 31.84
CA GLU A 258 -19.98 18.35 30.65
C GLU A 258 -20.75 17.40 29.74
N VAL A 259 -21.91 17.84 29.26
CA VAL A 259 -22.79 17.03 28.44
C VAL A 259 -22.73 17.57 27.01
N ILE A 260 -22.37 16.71 26.06
CA ILE A 260 -22.24 17.09 24.67
C ILE A 260 -23.25 16.29 23.85
N GLU A 261 -24.07 17.01 23.09
CA GLU A 261 -25.00 16.36 22.18
C GLU A 261 -24.31 16.12 20.84
N ALA A 262 -24.68 15.03 20.17
CA ALA A 262 -23.96 14.65 18.97
C ALA A 262 -24.86 13.85 18.04
N SER A 263 -24.64 14.03 16.73
CA SER A 263 -25.35 13.23 15.75
C SER A 263 -24.82 11.81 15.70
N ALA A 264 -23.53 11.62 16.00
CA ALA A 264 -22.96 10.28 16.04
C ALA A 264 -21.71 10.31 16.90
N VAL A 265 -21.32 9.13 17.38
CA VAL A 265 -20.10 8.97 18.16
C VAL A 265 -19.22 7.96 17.45
N ILE A 266 -17.95 8.32 17.25
CA ILE A 266 -16.94 7.39 16.77
C ILE A 266 -16.02 7.11 17.95
N CYS A 267 -16.04 5.89 18.42
CA CYS A 267 -15.36 5.57 19.67
C CYS A 267 -14.12 4.75 19.34
N THR A 268 -12.95 5.33 19.57
CA THR A 268 -11.68 4.67 19.26
C THR A 268 -10.99 4.12 20.52
N VAL A 269 -11.66 4.19 21.67
CA VAL A 269 -11.09 3.68 22.93
C VAL A 269 -10.83 2.18 22.78
N PRO A 270 -9.62 1.70 23.10
CA PRO A 270 -9.33 0.27 22.92
C PRO A 270 -10.11 -0.59 23.91
N VAL A 271 -10.24 -1.87 23.55
CA VAL A 271 -11.01 -2.81 24.38
C VAL A 271 -10.50 -2.78 25.83
N GLY A 272 -9.19 -2.69 26.01
CA GLY A 272 -8.64 -2.70 27.36
C GLY A 272 -9.07 -1.53 28.22
N ALA A 273 -9.63 -0.48 27.62
CA ALA A 273 -10.03 0.73 28.32
C ALA A 273 -11.52 1.05 28.21
N LEU A 274 -12.30 0.20 27.54
CA LEU A 274 -13.73 0.50 27.36
C LEU A 274 -14.50 0.39 28.67
N SER A 275 -13.93 -0.30 29.66
CA SER A 275 -14.58 -0.42 30.97
C SER A 275 -14.67 0.91 31.70
N ASN A 276 -13.92 1.93 31.29
CA ASN A 276 -14.08 3.25 31.88
C ASN A 276 -15.34 3.97 31.43
N ILE A 277 -16.04 3.45 30.42
CA ILE A 277 -17.17 4.15 29.82
C ILE A 277 -18.43 3.35 30.09
N GLU A 278 -19.45 4.02 30.62
CA GLU A 278 -20.79 3.43 30.73
C GLU A 278 -21.55 3.71 29.43
N PHE A 279 -22.01 2.65 28.79
CA PHE A 279 -22.79 2.77 27.56
C PHE A 279 -24.25 2.58 27.88
N SER A 280 -25.08 3.52 27.44
CA SER A 280 -26.53 3.47 27.60
C SER A 280 -27.17 3.59 26.23
N PRO A 281 -27.83 2.54 25.71
CA PRO A 281 -28.02 1.20 26.30
C PRO A 281 -26.72 0.41 26.38
N ALA A 282 -26.72 -0.70 27.10
CA ALA A 282 -25.53 -1.53 27.19
C ALA A 282 -25.16 -2.09 25.82
N LEU A 283 -23.89 -2.44 25.68
CA LEU A 283 -23.41 -3.04 24.45
C LEU A 283 -23.95 -4.46 24.31
N PRO A 284 -24.05 -4.97 23.07
CA PRO A 284 -24.54 -6.33 22.86
C PRO A 284 -23.69 -7.36 23.61
N ASP A 285 -24.36 -8.45 24.00
CA ASP A 285 -23.70 -9.47 24.84
C ASP A 285 -22.50 -10.06 24.13
N ALA A 286 -22.59 -10.24 22.81
CA ALA A 286 -21.46 -10.76 22.05
C ALA A 286 -20.27 -9.81 22.11
N VAL A 287 -20.52 -8.49 22.05
CA VAL A 287 -19.44 -7.52 22.18
C VAL A 287 -18.92 -7.49 23.63
N GLN A 288 -19.83 -7.53 24.60
CA GLN A 288 -19.40 -7.50 26.00
C GLN A 288 -18.52 -8.69 26.34
N SER A 289 -18.79 -9.85 25.73
CA SER A 289 -18.00 -11.04 25.97
C SER A 289 -16.54 -10.81 25.58
N VAL A 290 -16.31 -10.18 24.43
CA VAL A 290 -14.94 -9.89 24.00
C VAL A 290 -14.30 -8.89 24.94
N ILE A 291 -15.06 -7.88 25.37
CA ILE A 291 -14.51 -6.88 26.29
C ILE A 291 -14.12 -7.53 27.61
N ASP A 292 -14.93 -8.47 28.10
CA ASP A 292 -14.57 -9.18 29.33
C ASP A 292 -13.32 -10.04 29.15
N ASP A 293 -13.23 -10.74 28.06
CA ASP A 293 -12.13 -11.63 27.86
C ASP A 293 -10.81 -10.90 27.61
N LYS A 294 -10.95 -9.66 27.15
CA LYS A 294 -9.85 -8.73 26.80
C LYS A 294 -8.96 -9.19 25.64
N TRP A 295 -7.80 -8.56 25.50
CA TRP A 295 -6.87 -8.90 24.43
C TRP A 295 -5.88 -9.96 24.84
N ASN A 296 -4.83 -10.13 24.03
CA ASN A 296 -3.79 -11.11 24.30
C ASN A 296 -2.41 -10.48 24.23
N SER A 297 -2.67 -9.20 24.60
CA SER A 297 -1.88 -8.02 24.77
C SER A 297 -1.53 -7.76 26.21
N GLN A 298 -1.04 -8.79 26.87
CA GLN A 298 -0.65 -8.66 28.25
C GLN A 298 0.85 -8.51 28.33
N GLY A 299 1.52 -8.15 27.22
CA GLY A 299 2.95 -8.02 27.35
C GLY A 299 3.45 -6.59 27.44
N ALA A 300 4.74 -6.44 27.13
CA ALA A 300 5.38 -5.14 27.28
C ALA A 300 6.54 -5.00 26.29
N LYS A 301 6.89 -3.75 26.01
CA LYS A 301 8.01 -3.39 25.16
C LYS A 301 9.00 -2.57 25.97
N ILE A 302 10.28 -2.95 25.91
CA ILE A 302 11.34 -2.32 26.67
C ILE A 302 12.42 -1.79 25.73
N TRP A 303 13.11 -0.73 26.18
CA TRP A 303 14.31 -0.21 25.55
C TRP A 303 15.45 -0.31 26.56
N ILE A 304 16.51 -1.02 26.20
CA ILE A 304 17.64 -1.26 27.10
C ILE A 304 18.88 -0.64 26.48
N LYS A 305 19.67 0.06 27.31
CA LYS A 305 20.94 0.61 26.89
C LYS A 305 22.06 -0.17 27.56
N ILE A 306 23.02 -0.66 26.77
CA ILE A 306 24.15 -1.44 27.29
C ILE A 306 25.45 -0.75 26.88
N LYS A 307 26.51 -1.03 27.65
CA LYS A 307 27.85 -0.53 27.32
C LYS A 307 28.39 -1.18 26.05
N GLY A 308 29.03 -0.38 25.22
CA GLY A 308 29.71 -0.88 24.04
C GLY A 308 28.77 -1.03 22.86
N HIS A 309 29.36 -1.28 21.69
CA HIS A 309 28.61 -1.55 20.46
C HIS A 309 28.50 -3.06 20.26
N HIS A 310 27.27 -3.57 20.29
CA HIS A 310 27.05 -5.00 20.18
C HIS A 310 25.85 -5.25 19.29
N ARG A 311 26.03 -6.06 18.23
CA ARG A 311 24.94 -6.48 17.37
C ARG A 311 24.37 -7.76 17.94
N PHE A 312 23.21 -7.67 18.58
CA PHE A 312 22.70 -8.77 19.38
C PHE A 312 21.30 -9.16 18.92
N LEU A 313 21.01 -10.45 18.98
CA LEU A 313 19.67 -10.96 18.67
C LEU A 313 19.42 -12.17 19.57
N GLY A 314 18.45 -12.05 20.47
CA GLY A 314 18.17 -13.11 21.42
C GLY A 314 16.72 -13.52 21.43
N TYR A 315 16.50 -14.83 21.52
CA TYR A 315 15.17 -15.42 21.61
C TYR A 315 15.07 -16.23 22.89
N ALA A 316 13.97 -16.08 23.62
CA ALA A 316 13.74 -16.88 24.83
C ALA A 316 12.26 -17.19 24.94
N PRO A 317 11.89 -18.44 25.17
CA PRO A 317 10.47 -18.80 25.29
C PRO A 317 9.86 -18.28 26.58
N LYS A 318 8.53 -18.33 26.61
CA LYS A 318 7.79 -18.12 27.84
C LYS A 318 8.34 -19.06 28.92
N PRO A 319 8.47 -18.60 30.18
CA PRO A 319 8.06 -17.32 30.77
C PRO A 319 9.16 -16.29 30.92
N ALA A 320 10.08 -16.21 29.96
CA ALA A 320 11.16 -15.23 30.05
C ALA A 320 10.60 -13.82 30.23
N LYS A 321 11.36 -12.98 30.94
CA LYS A 321 10.98 -11.58 31.08
C LYS A 321 10.83 -10.92 29.71
N MET A 322 11.74 -11.23 28.79
CA MET A 322 11.67 -10.75 27.41
C MET A 322 11.97 -11.90 26.48
N SER A 323 11.22 -11.98 25.38
CA SER A 323 11.32 -13.11 24.48
C SER A 323 12.09 -12.80 23.19
N VAL A 324 12.07 -11.57 22.73
CA VAL A 324 12.86 -11.19 21.56
C VAL A 324 13.52 -9.87 21.88
N VAL A 325 14.85 -9.85 21.83
CA VAL A 325 15.65 -8.67 22.13
C VAL A 325 16.63 -8.47 20.98
N ARG A 326 16.73 -7.25 20.46
CA ARG A 326 17.55 -6.99 19.29
C ARG A 326 18.16 -5.61 19.38
N SER A 327 19.41 -5.46 18.92
CA SER A 327 20.03 -4.15 18.84
C SER A 327 19.29 -3.27 17.83
N GLU A 328 19.20 -1.98 18.13
CA GLU A 328 18.49 -1.07 17.22
C GLU A 328 19.23 0.24 16.94
N TYR A 329 20.03 0.73 17.89
CA TYR A 329 20.76 1.97 17.71
C TYR A 329 22.14 1.86 18.33
N PHE A 330 23.15 2.35 17.62
CA PHE A 330 24.51 2.38 18.12
C PHE A 330 24.85 3.83 18.43
N MET A 331 24.88 4.17 19.72
CA MET A 331 25.11 5.53 20.16
C MET A 331 26.58 5.90 20.04
N ASP A 332 26.82 7.20 19.85
CA ASP A 332 28.17 7.74 19.72
C ASP A 332 28.84 7.83 21.09
N ASP A 333 28.12 7.42 22.14
CA ASP A 333 28.64 7.43 23.49
C ASP A 333 29.00 6.00 23.90
N ASP A 334 29.53 5.25 22.95
CA ASP A 334 29.95 3.86 23.15
C ASP A 334 28.87 2.98 23.76
N THR A 335 27.61 3.18 23.40
CA THR A 335 26.58 2.33 23.94
C THR A 335 25.66 1.85 22.83
N THR A 336 24.92 0.79 23.11
CA THR A 336 23.95 0.26 22.17
C THR A 336 22.57 0.28 22.83
N ILE A 337 21.56 0.64 22.05
CA ILE A 337 20.18 0.58 22.50
C ILE A 337 19.51 -0.62 21.84
N LEU A 338 18.92 -1.47 22.67
CA LEU A 338 18.20 -2.65 22.23
C LEU A 338 16.71 -2.48 22.50
N VAL A 339 15.90 -3.17 21.71
CA VAL A 339 14.46 -3.23 21.95
C VAL A 339 14.13 -4.66 22.32
N GLY A 340 13.14 -4.81 23.18
CA GLY A 340 12.70 -6.14 23.58
C GLY A 340 11.20 -6.18 23.70
N PHE A 341 10.64 -7.36 23.44
CA PHE A 341 9.21 -7.62 23.58
C PHE A 341 9.03 -8.81 24.50
N GLY A 342 8.10 -8.70 25.46
CA GLY A 342 7.89 -9.73 26.44
C GLY A 342 6.41 -10.03 26.61
N TYR A 343 6.12 -11.23 27.09
CA TYR A 343 4.74 -11.71 27.12
C TYR A 343 3.96 -11.26 28.36
N ASP A 344 4.60 -10.74 29.41
CA ASP A 344 3.89 -10.47 30.67
C ASP A 344 4.36 -9.17 31.30
N ASN A 345 3.53 -8.12 31.17
CA ASN A 345 3.90 -6.81 31.69
C ASN A 345 4.12 -6.82 33.21
N THR A 346 3.51 -7.74 33.95
CA THR A 346 3.65 -7.73 35.41
C THR A 346 4.94 -8.39 35.89
N ASN A 347 5.72 -9.01 35.01
CA ASN A 347 6.95 -9.68 35.42
C ASN A 347 8.19 -8.85 35.13
N ILE A 348 8.04 -7.60 34.68
CA ILE A 348 9.21 -6.77 34.43
C ILE A 348 8.87 -5.31 34.71
N ASP A 349 9.79 -4.62 35.37
CA ASP A 349 9.72 -3.18 35.58
C ASP A 349 10.56 -2.57 34.46
N LEU A 350 9.88 -1.97 33.47
CA LEU A 350 10.57 -1.48 32.29
C LEU A 350 11.59 -0.41 32.63
N ASN A 351 11.52 0.15 33.83
CA ASN A 351 12.39 1.26 34.20
C ASN A 351 13.37 0.89 35.30
N SER A 352 13.56 -0.40 35.55
CA SER A 352 14.49 -0.88 36.56
C SER A 352 15.72 -1.49 35.89
N ILE A 353 16.89 -0.92 36.18
CA ILE A 353 18.12 -1.42 35.57
C ILE A 353 18.40 -2.86 35.96
N GLU A 354 18.04 -3.25 37.19
CA GLU A 354 18.27 -4.63 37.59
C GLU A 354 17.44 -5.61 36.76
N ASP A 355 16.17 -5.28 36.48
CA ASP A 355 15.32 -6.14 35.67
C ASP A 355 15.83 -6.21 34.23
N ALA A 356 16.25 -5.06 33.68
CA ALA A 356 16.84 -5.04 32.35
C ALA A 356 18.12 -5.86 32.32
N GLN A 357 18.94 -5.76 33.37
CA GLN A 357 20.12 -6.62 33.41
C GLN A 357 19.74 -8.08 33.45
N ALA A 358 18.66 -8.41 34.17
CA ALA A 358 18.21 -9.80 34.19
C ALA A 358 17.81 -10.25 32.79
N VAL A 359 17.25 -9.33 31.99
CA VAL A 359 16.87 -9.69 30.61
C VAL A 359 18.11 -10.03 29.81
N ILE A 360 19.12 -9.16 29.84
CA ILE A 360 20.32 -9.43 29.06
C ILE A 360 21.01 -10.69 29.54
N ASN A 361 20.98 -10.94 30.87
CA ASN A 361 21.56 -12.17 31.42
C ASN A 361 20.84 -13.44 30.98
N GLN A 362 19.69 -13.34 30.32
CA GLN A 362 19.05 -14.55 29.80
C GLN A 362 19.97 -15.26 28.80
N TRP A 363 20.83 -14.51 28.14
CA TRP A 363 21.67 -15.00 27.06
C TRP A 363 23.16 -14.79 27.28
N ARG A 364 23.57 -13.72 27.96
CA ARG A 364 24.97 -13.32 28.02
C ARG A 364 25.37 -12.98 29.46
N ASP A 365 26.67 -13.03 29.71
CA ASP A 365 27.19 -12.59 30.99
C ASP A 365 28.21 -11.45 30.85
N ASP A 366 28.46 -10.97 29.64
CA ASP A 366 29.49 -9.97 29.40
C ASP A 366 28.93 -8.61 29.03
N LEU A 367 27.61 -8.44 29.03
CA LEU A 367 26.98 -7.18 28.65
C LEU A 367 26.44 -6.48 29.89
N GLU A 368 26.73 -5.18 30.01
CA GLU A 368 26.34 -4.38 31.17
C GLU A 368 25.30 -3.34 30.77
N VAL A 369 24.14 -3.40 31.42
CA VAL A 369 23.07 -2.42 31.23
C VAL A 369 23.40 -1.16 32.01
N VAL A 370 23.24 -0.01 31.36
CA VAL A 370 23.41 1.28 32.01
C VAL A 370 22.13 2.10 32.08
N ASP A 371 21.09 1.77 31.32
CA ASP A 371 19.82 2.47 31.42
C ASP A 371 18.75 1.60 30.79
N THR A 372 17.50 1.92 31.09
CA THR A 372 16.37 1.16 30.56
C THR A 372 15.13 2.02 30.69
N THR A 373 14.18 1.83 29.78
CA THR A 373 12.94 2.59 29.86
C THR A 373 11.84 1.88 29.07
N GLY A 374 10.61 2.27 29.37
CA GLY A 374 9.46 1.78 28.64
C GLY A 374 8.20 2.34 29.29
N HIS A 375 7.11 2.31 28.52
CA HIS A 375 5.79 2.67 29.02
C HIS A 375 4.95 1.41 29.10
N ASN A 376 4.40 1.13 30.29
CA ASN A 376 3.63 -0.11 30.46
C ASN A 376 2.19 0.16 30.04
N TRP A 377 1.89 -0.16 28.78
CA TRP A 377 0.57 0.14 28.21
C TRP A 377 -0.56 -0.58 28.93
N VAL A 378 -0.29 -1.81 29.39
CA VAL A 378 -1.34 -2.59 30.03
C VAL A 378 -1.82 -1.92 31.30
N ALA A 379 -0.92 -1.25 32.04
CA ALA A 379 -1.24 -0.54 33.26
C ALA A 379 -1.63 0.92 32.99
N ASP A 380 -1.90 1.27 31.73
CA ASP A 380 -2.28 2.62 31.36
C ASP A 380 -3.79 2.62 31.20
N LYS A 381 -4.48 3.37 32.06
CA LYS A 381 -5.93 3.34 32.14
C LYS A 381 -6.59 3.61 30.80
N TRP A 382 -5.96 4.39 29.94
CA TRP A 382 -6.54 4.79 28.66
C TRP A 382 -6.17 3.84 27.52
N ALA A 383 -5.46 2.75 27.82
CA ALA A 383 -5.10 1.73 26.84
C ALA A 383 -5.47 0.35 27.38
N GLY A 384 -4.83 -0.10 28.45
CA GLY A 384 -5.17 -1.38 29.03
C GLY A 384 -4.67 -2.59 28.27
N GLN A 385 -3.79 -2.39 27.29
CA GLN A 385 -3.34 -3.40 26.37
C GLN A 385 -2.22 -2.78 25.55
N ALA A 386 -1.35 -3.64 25.00
CA ALA A 386 -0.41 -3.17 23.99
C ALA A 386 -1.14 -3.12 22.64
N TRP A 387 -0.53 -3.60 21.56
CA TRP A 387 -1.28 -3.68 20.31
C TRP A 387 -2.24 -4.86 20.35
N GLY A 388 -3.41 -4.70 19.75
CA GLY A 388 -4.40 -5.76 19.83
C GLY A 388 -3.98 -7.04 19.13
N THR A 389 -4.08 -8.16 19.84
CA THR A 389 -3.83 -9.49 19.30
C THR A 389 -4.96 -10.42 19.72
N LEU A 390 -5.12 -11.53 19.01
CA LEU A 390 -6.33 -12.34 19.08
C LEU A 390 -6.12 -13.56 19.94
N ARG A 391 -7.02 -13.78 20.90
CA ARG A 391 -7.11 -15.06 21.59
C ARG A 391 -7.80 -16.08 20.68
N LYS A 392 -7.71 -17.34 21.08
CA LYS A 392 -8.47 -18.40 20.41
C LYS A 392 -9.93 -17.99 20.25
N GLY A 393 -10.47 -18.19 19.05
CA GLY A 393 -11.85 -17.87 18.77
C GLY A 393 -12.12 -16.44 18.37
N GLN A 394 -11.15 -15.53 18.52
CA GLN A 394 -11.41 -14.12 18.28
C GLN A 394 -11.18 -13.70 16.84
N PHE A 395 -10.63 -14.58 16.00
CA PHE A 395 -10.55 -14.26 14.58
C PHE A 395 -11.93 -14.27 13.94
N THR A 396 -12.76 -15.27 14.24
CA THR A 396 -14.09 -15.35 13.65
C THR A 396 -15.19 -14.85 14.57
N GLN A 397 -14.96 -14.79 15.88
CA GLN A 397 -15.93 -14.29 16.86
C GLN A 397 -15.29 -13.25 17.77
N GLY A 398 -14.66 -12.23 17.19
CA GLY A 398 -14.04 -11.20 18.01
C GLY A 398 -14.06 -9.81 17.40
N TRP A 399 -13.03 -9.50 16.62
CA TRP A 399 -12.83 -8.14 16.12
C TRP A 399 -13.96 -7.68 15.20
N SER A 400 -14.60 -8.62 14.49
CA SER A 400 -15.66 -8.25 13.55
C SER A 400 -16.98 -7.95 14.24
N LEU A 401 -17.15 -8.35 15.50
CA LEU A 401 -18.39 -8.14 16.21
C LEU A 401 -18.68 -6.67 16.51
N PHE A 402 -17.67 -5.81 16.42
CA PHE A 402 -17.85 -4.40 16.76
C PHE A 402 -18.47 -3.59 15.63
N ASP A 403 -18.85 -4.23 14.52
CA ASP A 403 -19.65 -3.61 13.44
C ASP A 403 -19.11 -2.27 12.98
N GLN A 408 -26.15 4.71 16.36
CA GLN A 408 -25.33 5.83 15.94
C GLN A 408 -24.01 5.86 16.70
N LEU A 409 -23.63 4.70 17.22
CA LEU A 409 -22.35 4.50 17.87
C LEU A 409 -21.52 3.62 16.95
N PHE A 410 -20.33 4.10 16.59
CA PHE A 410 -19.43 3.33 15.76
C PHE A 410 -18.12 3.13 16.50
N PHE A 411 -17.56 1.94 16.38
CA PHE A 411 -16.24 1.65 16.93
C PHE A 411 -15.23 1.70 15.80
N ALA A 412 -14.15 2.46 16.01
CA ALA A 412 -13.06 2.53 15.05
C ALA A 412 -11.76 2.35 15.81
N GLY A 413 -10.76 1.83 15.13
CA GLY A 413 -9.47 1.62 15.73
C GLY A 413 -8.78 0.44 15.09
N SER A 414 -7.48 0.35 15.36
CA SER A 414 -6.68 -0.67 14.68
C SER A 414 -7.17 -2.07 15.01
N ASP A 415 -7.68 -2.28 16.22
CA ASP A 415 -8.05 -3.61 16.64
C ASP A 415 -9.25 -4.17 15.90
N TYR A 416 -9.96 -3.35 15.13
CA TYR A 416 -11.13 -3.79 14.36
C TYR A 416 -10.90 -3.76 12.85
N ALA A 417 -9.67 -3.62 12.39
CA ALA A 417 -9.43 -3.47 10.96
C ALA A 417 -9.52 -4.78 10.18
N TYR A 418 -9.78 -4.65 8.88
CA TYR A 418 -9.81 -5.83 8.01
C TYR A 418 -8.41 -6.35 7.71
N GLY A 419 -7.43 -5.47 7.61
CA GLY A 419 -6.10 -5.85 7.16
C GLY A 419 -5.10 -6.05 8.28
N TRP A 420 -4.20 -5.08 8.47
CA TRP A 420 -3.12 -5.18 9.47
C TRP A 420 -3.63 -4.80 10.86
N ARG A 421 -4.55 -5.63 11.33
CA ARG A 421 -5.35 -5.34 12.51
C ARG A 421 -4.51 -5.35 13.78
N GLY A 422 -4.64 -4.31 14.59
CA GLY A 422 -4.06 -4.30 15.93
C GLY A 422 -2.58 -3.96 15.93
N VAL A 423 -1.80 -4.80 15.24
CA VAL A 423 -0.34 -4.74 15.28
C VAL A 423 0.21 -3.50 14.59
N CYS A 424 -0.55 -2.87 13.66
CA CYS A 424 -0.01 -1.80 12.83
C CYS A 424 -0.87 -0.55 12.88
N VAL A 425 -0.20 0.60 12.85
CA VAL A 425 -0.87 1.88 12.60
C VAL A 425 -1.72 1.80 11.34
N ASP A 426 -1.31 0.98 10.36
CA ASP A 426 -2.09 0.82 9.14
C ASP A 426 -3.54 0.48 9.43
N GLY A 427 -3.77 -0.39 10.43
CA GLY A 427 -5.14 -0.76 10.78
C GLY A 427 -5.93 0.39 11.38
N ALA A 428 -5.29 1.20 12.23
CA ALA A 428 -5.95 2.39 12.78
C ALA A 428 -6.31 3.38 11.69
N LEU A 429 -5.39 3.62 10.77
CA LEU A 429 -5.67 4.52 9.65
C LEU A 429 -6.76 3.96 8.74
N GLU A 430 -6.75 2.64 8.50
CA GLU A 430 -7.79 2.02 7.69
C GLU A 430 -9.16 2.21 8.32
N LYS A 431 -9.29 1.78 9.57
CA LYS A 431 -10.60 1.72 10.21
C LYS A 431 -11.13 3.10 10.60
N GLY A 432 -10.23 4.02 11.00
CA GLY A 432 -10.69 5.37 11.26
C GLY A 432 -11.29 6.01 10.03
N MET A 433 -10.63 5.84 8.89
CA MET A 433 -11.12 6.42 7.64
C MET A 433 -12.41 5.76 7.18
N THR A 434 -12.46 4.42 7.19
CA THR A 434 -13.68 3.77 6.70
C THR A 434 -14.84 3.95 7.66
N THR A 435 -14.58 4.10 8.96
CA THR A 435 -15.68 4.39 9.87
C THR A 435 -16.22 5.79 9.64
N ALA A 436 -15.34 6.77 9.42
CA ALA A 436 -15.81 8.09 9.04
C ALA A 436 -16.65 8.02 7.76
N ARG A 437 -16.24 7.18 6.80
CA ARG A 437 -17.04 7.01 5.59
C ARG A 437 -18.41 6.43 5.90
N GLN A 438 -18.49 5.52 6.88
CA GLN A 438 -19.79 5.01 7.30
C GLN A 438 -20.68 6.16 7.77
N VAL A 439 -20.12 7.06 8.56
CA VAL A 439 -20.89 8.21 9.04
C VAL A 439 -21.26 9.12 7.88
N ILE A 440 -20.29 9.41 7.00
CA ILE A 440 -20.56 10.24 5.83
C ILE A 440 -21.70 9.65 4.99
N ASN A 441 -21.61 8.35 4.71
CA ASN A 441 -22.61 7.71 3.86
C ASN A 441 -23.99 7.77 4.48
N SER A 442 -24.07 7.62 5.81
CA SER A 442 -25.37 7.66 6.47
C SER A 442 -25.99 9.04 6.39
N MET A 443 -25.19 10.10 6.53
CA MET A 443 -25.74 11.44 6.45
C MET A 443 -26.07 11.87 5.02
N ARG A 444 -25.66 11.10 4.02
CA ARG A 444 -25.98 11.46 2.63
C ARG A 444 -27.19 10.68 2.12
N LYS B 5 -9.14 29.59 -6.04
CA LYS B 5 -7.96 30.35 -6.43
C LYS B 5 -6.78 29.46 -6.87
N VAL B 6 -6.79 28.18 -6.50
CA VAL B 6 -5.89 27.21 -7.14
C VAL B 6 -6.63 26.60 -8.33
N VAL B 7 -6.06 26.72 -9.51
CA VAL B 7 -6.67 26.20 -10.74
C VAL B 7 -5.99 24.87 -11.08
N ILE B 8 -6.80 23.82 -11.16
CA ILE B 8 -6.33 22.49 -11.53
C ILE B 8 -6.76 22.23 -12.97
N ILE B 9 -5.81 21.85 -13.82
CA ILE B 9 -6.09 21.57 -15.23
C ILE B 9 -6.15 20.06 -15.38
N GLY B 10 -7.35 19.54 -15.66
CA GLY B 10 -7.52 18.12 -15.91
C GLY B 10 -8.25 17.44 -14.78
N ALA B 11 -9.32 16.69 -15.09
CA ALA B 11 -10.08 15.95 -14.08
C ALA B 11 -9.82 14.45 -14.19
N GLY B 12 -8.57 14.06 -14.42
CA GLY B 12 -8.15 12.70 -14.22
C GLY B 12 -7.94 12.45 -12.74
N PHE B 13 -7.35 11.28 -12.43
CA PHE B 13 -7.18 10.95 -11.01
C PHE B 13 -6.29 11.96 -10.30
N ALA B 14 -5.23 12.43 -10.96
CA ALA B 14 -4.33 13.38 -10.29
C ALA B 14 -5.07 14.68 -9.96
N GLY B 15 -5.83 15.22 -10.91
CA GLY B 15 -6.54 16.46 -10.65
C GLY B 15 -7.62 16.31 -9.60
N LEU B 16 -8.37 15.20 -9.64
CA LEU B 16 -9.45 14.99 -8.68
C LEU B 16 -8.91 14.86 -7.26
N VAL B 17 -7.85 14.06 -7.09
CA VAL B 17 -7.33 13.85 -5.75
C VAL B 17 -6.64 15.12 -5.25
N ALA B 18 -6.03 15.89 -6.15
CA ALA B 18 -5.44 17.17 -5.73
C ALA B 18 -6.51 18.12 -5.25
N ALA B 19 -7.64 18.17 -5.95
CA ALA B 19 -8.76 19.01 -5.53
C ALA B 19 -9.28 18.59 -4.15
N ARG B 20 -9.43 17.28 -3.93
CA ARG B 20 -9.93 16.83 -2.64
C ARG B 20 -8.95 17.17 -1.52
N GLU B 21 -7.65 17.15 -1.82
CA GLU B 21 -6.65 17.46 -0.80
C GLU B 21 -6.69 18.94 -0.41
N LEU B 22 -6.77 19.83 -1.42
CA LEU B 22 -6.94 21.26 -1.15
C LEU B 22 -8.21 21.52 -0.36
N GLN B 23 -9.29 20.86 -0.75
CA GLN B 23 -10.56 20.98 -0.03
C GLN B 23 -10.37 20.72 1.46
N THR B 24 -9.64 19.66 1.79
CA THR B 24 -9.34 19.34 3.18
C THR B 24 -8.58 20.49 3.83
N GLY B 26 -8.07 23.61 3.62
CA GLY B 26 -9.32 24.22 3.18
C GLY B 26 -9.12 25.38 2.20
N ILE B 27 -8.52 25.07 1.04
CA ILE B 27 -8.07 26.03 0.05
C ILE B 27 -9.05 26.02 -1.12
N GLU B 28 -9.35 27.20 -1.67
CA GLU B 28 -10.27 27.28 -2.80
C GLU B 28 -9.60 26.75 -4.06
N TYR B 29 -10.38 26.09 -4.91
CA TYR B 29 -9.85 25.49 -6.12
C TYR B 29 -10.89 25.54 -7.21
N GLU B 30 -10.44 25.28 -8.43
CA GLU B 30 -11.34 25.08 -9.56
C GLU B 30 -10.69 24.08 -10.52
N ILE B 31 -11.45 23.09 -10.95
CA ILE B 31 -10.98 22.10 -11.91
C ILE B 31 -11.53 22.46 -13.28
N LEU B 32 -10.64 22.59 -14.27
CA LEU B 32 -10.99 22.83 -15.66
C LEU B 32 -10.61 21.60 -16.47
N GLU B 33 -11.59 20.97 -17.11
CA GLU B 33 -11.40 19.74 -17.87
C GLU B 33 -11.81 20.00 -19.31
N ALA B 34 -10.98 19.56 -20.25
CA ALA B 34 -11.24 19.80 -21.67
C ALA B 34 -12.43 18.99 -22.19
N LYS B 35 -12.58 17.75 -21.73
CA LYS B 35 -13.59 16.83 -22.25
C LYS B 35 -14.93 17.03 -21.55
N ASP B 36 -15.94 16.33 -22.05
CA ASP B 36 -17.26 16.29 -21.43
C ASP B 36 -17.40 15.15 -20.43
N ARG B 37 -16.28 14.64 -19.90
CA ARG B 37 -16.31 13.56 -18.92
C ARG B 37 -15.11 13.70 -18.00
N ILE B 38 -15.18 13.07 -16.85
CA ILE B 38 -14.04 12.99 -15.94
C ILE B 38 -13.43 11.59 -15.99
N GLY B 39 -12.23 11.46 -15.42
CA GLY B 39 -11.52 10.19 -15.37
C GLY B 39 -10.26 10.18 -16.21
N GLY B 40 -10.21 10.99 -17.26
CA GLY B 40 -9.01 11.05 -18.09
C GLY B 40 -8.69 9.69 -18.69
N ARG B 41 -7.45 9.26 -18.54
CA ARG B 41 -7.00 8.00 -19.13
C ARG B 41 -7.48 6.76 -18.36
N ALA B 42 -8.22 6.95 -17.28
CA ALA B 42 -9.10 5.93 -16.71
C ALA B 42 -10.50 6.22 -17.24
N TRP B 43 -11.14 5.21 -17.83
CA TRP B 43 -12.39 5.46 -18.54
C TRP B 43 -13.16 4.14 -18.63
N THR B 44 -14.11 3.94 -17.70
CA THR B 44 -15.01 2.79 -17.76
C THR B 44 -16.18 3.12 -18.67
N GLU B 45 -16.30 2.41 -19.79
CA GLU B 45 -17.29 2.73 -20.81
C GLU B 45 -18.06 1.47 -21.21
N GLU B 46 -19.37 1.62 -21.32
CA GLU B 46 -20.25 0.52 -21.74
C GLU B 46 -20.04 0.22 -23.22
N ARG B 47 -19.45 -0.93 -23.52
CA ARG B 47 -19.17 -1.33 -24.91
C ARG B 47 -19.18 -2.84 -25.02
N MET B 48 -19.55 -3.32 -26.21
CA MET B 48 -19.61 -4.75 -26.53
C MET B 48 -20.46 -5.55 -25.53
N GLY B 49 -21.40 -4.90 -24.85
CA GLY B 49 -22.31 -5.59 -23.97
C GLY B 49 -21.96 -5.58 -22.49
N ARG B 50 -20.98 -4.78 -22.06
CA ARG B 50 -20.66 -4.72 -20.63
C ARG B 50 -19.69 -3.57 -20.35
N PRO B 51 -19.52 -3.16 -19.09
CA PRO B 51 -18.51 -2.13 -18.79
C PRO B 51 -17.11 -2.63 -19.08
N LEU B 52 -16.43 -1.93 -19.97
CA LEU B 52 -15.03 -2.22 -20.30
C LEU B 52 -14.16 -1.05 -19.87
N GLU B 53 -12.96 -1.37 -19.39
CA GLU B 53 -11.95 -0.34 -19.12
C GLU B 53 -11.21 -0.03 -20.42
N LEU B 54 -11.46 1.16 -20.99
CA LEU B 54 -10.77 1.56 -22.22
C LEU B 54 -9.39 2.10 -21.95
N GLY B 55 -9.10 2.44 -20.70
CA GLY B 55 -7.78 2.77 -20.24
C GLY B 55 -7.45 1.92 -19.02
N ALA B 56 -7.41 2.54 -17.85
CA ALA B 56 -6.92 1.86 -16.65
C ALA B 56 -7.80 0.67 -16.25
N THR B 57 -7.14 -0.42 -15.78
CA THR B 57 -7.84 -1.66 -15.42
C THR B 57 -7.43 -2.31 -14.08
N TRP B 58 -6.16 -2.65 -13.89
CA TRP B 58 -5.78 -3.53 -12.78
C TRP B 58 -5.30 -2.76 -11.56
N VAL B 59 -5.48 -3.37 -10.36
CA VAL B 59 -5.13 -2.76 -9.07
C VAL B 59 -4.53 -3.81 -8.14
N HIS B 60 -3.99 -3.37 -7.00
CA HIS B 60 -3.45 -4.31 -6.00
C HIS B 60 -3.28 -3.62 -4.64
N TRP B 61 -3.35 -4.40 -3.55
CA TRP B 61 -3.23 -3.80 -2.23
C TRP B 61 -1.80 -3.36 -1.92
N PHE B 62 -0.82 -3.76 -2.73
CA PHE B 62 0.55 -3.27 -2.55
C PHE B 62 0.77 -1.92 -3.21
N GLN B 63 -0.27 -1.35 -3.84
CA GLN B 63 -0.25 0.01 -4.38
C GLN B 63 -0.95 0.90 -3.35
N ALA B 64 -0.15 1.67 -2.59
CA ALA B 64 -0.67 2.33 -1.40
C ALA B 64 -1.81 3.31 -1.75
N HIS B 65 -1.61 4.14 -2.76
CA HIS B 65 -2.59 5.20 -2.98
C HIS B 65 -3.86 4.64 -3.60
N THR B 66 -3.73 3.75 -4.57
CA THR B 66 -4.89 3.10 -5.16
C THR B 66 -5.67 2.32 -4.12
N TRP B 67 -4.98 1.54 -3.29
CA TRP B 67 -5.69 0.70 -2.34
C TRP B 67 -6.44 1.54 -1.31
N THR B 68 -5.87 2.68 -0.90
CA THR B 68 -6.61 3.49 0.07
C THR B 68 -7.92 4.01 -0.53
N GLU B 69 -7.93 4.34 -1.83
CA GLU B 69 -9.17 4.80 -2.44
C GLU B 69 -10.17 3.66 -2.60
N ILE B 70 -9.68 2.47 -2.97
CA ILE B 70 -10.53 1.28 -3.01
C ILE B 70 -11.22 1.06 -1.66
N MET B 71 -10.45 1.18 -0.57
CA MET B 71 -11.06 1.06 0.76
C MET B 71 -12.05 2.18 1.02
N ARG B 72 -11.66 3.40 0.69
CA ARG B 72 -12.49 4.58 0.98
C ARG B 72 -13.85 4.49 0.31
N TYR B 73 -13.90 4.06 -0.95
CA TYR B 73 -15.14 4.11 -1.72
C TYR B 73 -15.81 2.75 -1.80
N GLY B 74 -15.58 1.89 -0.81
CA GLY B 74 -16.39 0.68 -0.66
C GLY B 74 -16.04 -0.50 -1.54
N GLN B 75 -14.85 -0.53 -2.15
CA GLN B 75 -14.55 -1.55 -3.13
C GLN B 75 -13.66 -2.67 -2.61
N ARG B 76 -13.48 -2.75 -1.28
CA ARG B 76 -12.55 -3.69 -0.66
C ARG B 76 -12.71 -5.12 -1.18
N THR B 77 -13.95 -5.60 -1.28
CA THR B 77 -14.20 -6.95 -1.75
C THR B 77 -14.63 -7.01 -3.21
N GLU B 78 -14.73 -5.86 -3.88
CA GLU B 78 -15.22 -5.85 -5.26
C GLU B 78 -14.09 -5.92 -6.27
N ILE B 79 -13.16 -6.86 -6.07
CA ILE B 79 -12.10 -7.12 -7.04
C ILE B 79 -12.17 -8.59 -7.44
N THR B 80 -11.76 -8.85 -8.70
CA THR B 80 -11.79 -10.18 -9.30
C THR B 80 -10.49 -10.43 -10.07
N ALA B 81 -9.92 -11.62 -9.90
CA ALA B 81 -8.70 -11.95 -10.63
C ALA B 81 -9.03 -12.28 -12.09
N SER B 82 -8.15 -11.85 -13.00
CA SER B 82 -8.26 -12.22 -14.40
C SER B 82 -8.12 -13.74 -14.57
N PRO B 83 -8.67 -14.28 -15.66
CA PRO B 83 -8.50 -15.72 -15.94
C PRO B 83 -7.04 -16.13 -15.97
N SER B 84 -6.72 -17.26 -15.35
CA SER B 84 -5.40 -17.87 -15.44
C SER B 84 -5.53 -19.29 -16.00
N GLY B 85 -4.40 -20.00 -16.05
CA GLY B 85 -4.42 -21.32 -16.67
C GLY B 85 -4.85 -21.30 -18.12
N ASN B 86 -4.43 -20.28 -18.86
CA ASN B 86 -4.80 -20.17 -20.27
C ASN B 86 -3.89 -21.03 -21.14
N ASP B 87 -4.44 -21.48 -22.27
CA ASP B 87 -3.62 -22.05 -23.33
C ASP B 87 -2.76 -20.95 -23.95
N ALA B 88 -1.44 -21.09 -23.83
CA ALA B 88 -0.49 -20.09 -24.24
C ALA B 88 0.01 -20.36 -25.65
N HIS B 89 0.12 -19.31 -26.43
CA HIS B 89 0.63 -19.39 -27.76
C HIS B 89 1.66 -18.30 -27.92
N TRP B 90 2.84 -18.65 -28.42
CA TRP B 90 3.90 -17.65 -28.61
C TRP B 90 4.43 -17.59 -30.04
N VAL B 91 5.20 -16.55 -30.35
CA VAL B 91 5.79 -16.36 -31.67
C VAL B 91 7.10 -17.12 -31.81
N THR B 92 8.20 -16.37 -31.94
CA THR B 92 9.59 -16.85 -32.07
C THR B 92 9.98 -17.55 -33.39
N ASP B 93 10.98 -16.99 -34.08
CA ASP B 93 11.46 -17.53 -35.37
C ASP B 93 10.32 -17.80 -36.32
N GLY B 94 9.40 -16.86 -36.39
CA GLY B 94 8.23 -16.95 -37.27
C GLY B 94 7.36 -18.19 -37.18
N LYS B 95 7.02 -18.62 -35.97
CA LYS B 95 6.17 -19.82 -35.78
C LYS B 95 5.52 -19.91 -34.40
N VAL B 96 4.26 -20.34 -34.36
CA VAL B 96 3.58 -20.49 -33.13
C VAL B 96 3.82 -21.76 -32.35
N VAL B 97 4.19 -21.54 -31.11
CA VAL B 97 4.38 -22.61 -30.13
C VAL B 97 3.18 -22.57 -29.18
N LYS B 98 2.60 -23.73 -28.89
CA LYS B 98 1.40 -23.84 -28.06
C LYS B 98 1.75 -24.56 -26.76
N GLY B 99 1.48 -23.94 -25.64
CA GLY B 99 1.87 -24.47 -24.35
C GLY B 99 0.92 -24.05 -23.25
N THR B 100 1.43 -24.01 -22.03
CA THR B 100 0.67 -23.58 -20.88
C THR B 100 1.15 -22.22 -20.42
N GLU B 101 0.24 -21.47 -19.79
CA GLU B 101 0.60 -20.17 -19.23
C GLU B 101 1.71 -20.32 -18.20
N ASP B 102 1.66 -21.38 -17.39
CA ASP B 102 2.69 -21.59 -16.39
C ASP B 102 4.06 -21.79 -17.02
N ASP B 103 4.11 -22.47 -18.16
CA ASP B 103 5.38 -22.65 -18.85
C ASP B 103 5.91 -21.31 -19.36
N LEU B 104 5.03 -20.50 -19.96
CA LEU B 104 5.42 -19.15 -20.36
C LEU B 104 5.91 -18.33 -19.18
N ASP B 105 5.19 -18.40 -18.05
CA ASP B 105 5.57 -17.64 -16.86
C ASP B 105 6.97 -18.01 -16.38
N GLU B 106 7.33 -19.29 -16.45
CA GLU B 106 8.64 -19.70 -15.98
C GLU B 106 9.75 -19.14 -16.85
N LYS B 107 9.52 -19.06 -18.16
CA LYS B 107 10.55 -18.48 -19.01
C LYS B 107 10.73 -17.00 -18.70
N LEU B 108 9.63 -16.28 -18.47
CA LEU B 108 9.75 -14.85 -18.16
C LEU B 108 10.33 -14.63 -16.78
N THR B 109 9.99 -15.50 -15.82
CA THR B 109 10.57 -15.41 -14.47
C THR B 109 12.09 -15.49 -14.53
N ALA B 110 12.62 -16.47 -15.28
CA ALA B 110 14.07 -16.57 -15.43
C ALA B 110 14.65 -15.32 -16.07
N ALA B 111 13.99 -14.79 -17.10
CA ALA B 111 14.48 -13.58 -17.75
C ALA B 111 14.40 -12.37 -16.84
N MET B 112 13.34 -12.27 -16.03
CA MET B 112 13.18 -11.12 -15.14
C MET B 112 14.27 -11.08 -14.06
N GLY B 113 14.73 -12.24 -13.60
CA GLY B 113 15.83 -12.26 -12.66
C GLY B 113 17.03 -11.50 -13.17
N VAL B 114 17.34 -11.65 -14.46
CA VAL B 114 18.45 -10.90 -15.02
C VAL B 114 18.06 -9.44 -15.20
N THR B 115 16.81 -9.18 -15.62
CA THR B 115 16.36 -7.82 -15.84
C THR B 115 16.39 -6.99 -14.55
N TYR B 116 16.07 -7.60 -13.43
CA TYR B 116 16.07 -6.90 -12.16
C TYR B 116 17.46 -6.68 -11.52
N GLU B 117 18.51 -7.27 -12.05
CA GLU B 117 19.85 -7.12 -11.48
C GLU B 117 20.21 -5.67 -11.17
N GLY B 118 20.68 -5.47 -9.98
CA GLY B 118 21.05 -4.19 -9.56
C GLY B 118 19.96 -3.47 -8.83
N SER B 119 18.73 -3.96 -8.84
CA SER B 119 17.71 -3.11 -8.22
C SER B 119 17.91 -2.98 -6.71
N GLU B 120 18.47 -4.00 -6.07
CA GLU B 120 18.72 -3.88 -4.64
C GLU B 120 19.79 -2.83 -4.35
N GLU B 121 20.76 -2.66 -5.26
CA GLU B 121 21.76 -1.60 -5.09
C GLU B 121 21.17 -0.23 -5.40
N TYR B 122 20.32 -0.15 -6.43
CA TYR B 122 19.77 1.14 -6.86
C TYR B 122 18.63 1.62 -5.99
N PHE B 123 17.79 0.71 -5.49
CA PHE B 123 16.49 1.09 -4.95
C PHE B 123 16.22 0.46 -3.58
N PRO B 124 17.12 0.65 -2.60
CA PRO B 124 16.82 0.13 -1.25
C PRO B 124 15.49 0.65 -0.73
N ASN B 125 15.18 1.93 -1.01
CA ASN B 125 13.84 2.48 -0.87
C ASN B 125 13.29 2.66 -2.28
N PRO B 126 12.38 1.80 -2.76
CA PRO B 126 11.92 1.90 -4.15
C PRO B 126 11.07 3.12 -4.44
N HIS B 127 10.75 3.94 -3.44
CA HIS B 127 10.09 5.22 -3.64
C HIS B 127 11.07 6.38 -3.63
N ASP B 128 12.38 6.09 -3.69
CA ASP B 128 13.43 7.10 -3.87
C ASP B 128 14.26 6.70 -5.09
N PRO B 129 13.68 6.78 -6.29
CA PRO B 129 14.35 6.19 -7.46
C PRO B 129 15.66 6.88 -7.85
N LEU B 130 15.85 8.15 -7.52
CA LEU B 130 17.07 8.84 -7.92
C LEU B 130 18.10 8.94 -6.79
N TRP B 131 17.95 8.13 -5.74
CA TRP B 131 18.88 8.18 -4.61
C TRP B 131 20.33 8.01 -5.06
N VAL B 132 20.56 7.14 -6.05
CA VAL B 132 21.91 6.84 -6.52
C VAL B 132 22.61 8.10 -7.04
N LEU B 133 21.84 9.06 -7.57
CA LEU B 133 22.40 10.31 -8.08
C LEU B 133 22.41 11.42 -7.04
N SER B 134 21.96 11.15 -5.82
CA SER B 134 21.86 12.17 -4.79
C SER B 134 23.18 12.34 -4.05
N ASP B 135 23.25 13.40 -3.26
CA ASP B 135 24.39 13.59 -2.37
C ASP B 135 24.36 12.62 -1.20
N ASP B 136 23.20 12.03 -0.91
CA ASP B 136 23.08 11.04 0.15
C ASP B 136 23.61 9.68 -0.26
N PHE B 137 23.92 9.47 -1.53
CA PHE B 137 24.39 8.16 -1.98
C PHE B 137 25.75 7.85 -1.37
N ASP B 138 25.87 6.68 -0.74
CA ASP B 138 27.12 6.27 -0.11
C ASP B 138 27.55 4.90 -0.61
N GLY B 139 27.34 4.63 -1.89
CA GLY B 139 27.76 3.38 -2.48
C GLY B 139 28.99 3.58 -3.33
N PRO B 140 29.50 2.50 -3.90
CA PRO B 140 30.68 2.62 -4.77
C PRO B 140 30.34 3.30 -6.09
N ALA B 141 31.34 4.00 -6.64
CA ALA B 141 31.09 4.79 -7.85
C ALA B 141 30.67 3.91 -9.03
N GLU B 142 31.05 2.62 -9.03
CA GLU B 142 30.66 1.75 -10.13
C GLU B 142 29.16 1.52 -10.18
N VAL B 143 28.48 1.59 -9.03
CA VAL B 143 27.02 1.49 -9.01
C VAL B 143 26.40 2.69 -9.72
N ARG B 144 26.91 3.90 -9.46
CA ARG B 144 26.40 5.09 -10.14
C ARG B 144 26.68 5.02 -11.63
N GLU B 145 27.84 4.49 -12.02
CA GLU B 145 28.15 4.36 -13.44
C GLU B 145 27.27 3.31 -14.10
N ARG B 146 26.99 2.20 -13.41
CA ARG B 146 26.09 1.20 -13.98
C ARG B 146 24.65 1.71 -14.01
N PHE B 147 24.26 2.53 -13.04
CA PHE B 147 22.96 3.18 -13.04
C PHE B 147 22.77 4.03 -14.30
N LEU B 148 23.69 4.97 -14.52
CA LEU B 148 23.57 5.84 -15.68
C LEU B 148 23.64 5.08 -16.99
N SER B 149 24.42 3.99 -17.03
CA SER B 149 24.49 3.19 -18.25
C SER B 149 23.21 2.41 -18.49
N ASP B 150 22.55 1.95 -17.42
CA ASP B 150 21.29 1.23 -17.59
C ASP B 150 20.18 2.13 -18.11
N ASP B 151 20.26 3.44 -17.87
CA ASP B 151 19.27 4.36 -18.45
C ASP B 151 19.40 4.40 -19.97
N GLN B 152 20.60 4.15 -20.51
CA GLN B 152 20.83 4.17 -21.94
C GLN B 152 20.75 2.80 -22.58
N THR B 153 20.30 1.80 -21.81
CA THR B 153 20.14 0.42 -22.26
C THR B 153 18.65 0.08 -22.24
N ASN B 154 18.20 -0.74 -23.19
CA ASN B 154 16.83 -1.23 -23.15
C ASN B 154 16.77 -2.60 -22.48
N ALA B 155 15.56 -2.99 -22.10
CA ALA B 155 15.40 -4.18 -21.26
C ALA B 155 15.68 -5.47 -22.03
N ILE B 156 15.52 -5.44 -23.35
CA ILE B 156 15.74 -6.64 -24.15
C ILE B 156 17.22 -6.94 -24.26
N ASP B 157 18.02 -5.90 -24.45
CA ASP B 157 19.46 -6.09 -24.58
C ASP B 157 20.03 -6.72 -23.32
N LEU B 158 19.51 -6.35 -22.14
CA LEU B 158 19.92 -7.00 -20.90
C LEU B 158 19.76 -8.51 -20.98
N VAL B 159 18.65 -8.98 -21.54
CA VAL B 159 18.40 -10.41 -21.62
C VAL B 159 19.24 -11.05 -22.72
N LYS B 160 19.38 -10.39 -23.87
CA LYS B 160 20.25 -10.93 -24.92
C LYS B 160 21.69 -11.07 -24.46
N GLU B 161 22.24 -9.99 -23.87
CA GLU B 161 23.62 -10.02 -23.42
C GLU B 161 23.87 -11.08 -22.35
N ALA B 162 22.83 -11.50 -21.63
CA ALA B 162 22.98 -12.58 -20.65
C ALA B 162 22.94 -13.96 -21.28
N GLY B 163 22.75 -14.06 -22.60
CA GLY B 163 22.87 -15.33 -23.28
C GLY B 163 21.63 -16.19 -23.31
N PHE B 164 20.45 -15.62 -23.02
CA PHE B 164 19.22 -16.36 -23.21
C PHE B 164 19.00 -16.68 -24.70
N ASP B 165 18.21 -17.71 -24.96
CA ASP B 165 17.98 -18.17 -26.30
C ASP B 165 16.91 -17.32 -26.99
N GLN B 166 16.77 -17.53 -28.30
CA GLN B 166 15.92 -16.67 -29.11
C GLN B 166 14.45 -16.75 -28.70
N GLU B 167 14.01 -17.91 -28.19
CA GLU B 167 12.62 -18.02 -27.77
C GLU B 167 12.34 -17.10 -26.57
N THR B 168 13.21 -17.12 -25.56
CA THR B 168 13.03 -16.23 -24.43
C THR B 168 13.17 -14.77 -24.85
N ILE B 169 14.13 -14.49 -25.73
CA ILE B 169 14.29 -13.13 -26.23
C ILE B 169 13.00 -12.65 -26.89
N ASP B 170 12.33 -13.54 -27.61
CA ASP B 170 11.10 -13.17 -28.30
C ASP B 170 9.93 -13.03 -27.33
N LEU B 171 9.94 -13.79 -26.23
CA LEU B 171 8.91 -13.65 -25.21
C LEU B 171 9.09 -12.37 -24.43
N VAL B 172 10.35 -11.99 -24.13
CA VAL B 172 10.62 -10.74 -23.45
C VAL B 172 10.33 -9.55 -24.37
N ASP B 173 10.60 -9.72 -25.67
CA ASP B 173 10.21 -8.72 -26.66
C ASP B 173 8.71 -8.43 -26.59
N ALA B 174 7.89 -9.47 -26.70
CA ALA B 174 6.45 -9.30 -26.63
C ALA B 174 6.04 -8.69 -25.30
N PHE B 175 6.61 -9.20 -24.21
CA PHE B 175 6.25 -8.75 -22.88
C PHE B 175 6.45 -7.24 -22.74
N TRP B 176 7.62 -6.73 -23.14
CA TRP B 176 7.91 -5.32 -22.97
C TRP B 176 7.29 -4.44 -24.05
N CYS B 177 6.95 -5.00 -25.21
CA CYS B 177 6.09 -4.27 -26.14
C CYS B 177 4.83 -3.82 -25.42
N ALA B 178 4.28 -4.70 -24.57
CA ALA B 178 3.09 -4.34 -23.81
C ALA B 178 3.43 -3.49 -22.58
N GLY B 179 4.54 -3.80 -21.89
CA GLY B 179 4.87 -3.04 -20.69
C GLY B 179 5.26 -1.60 -20.97
N TYR B 180 6.04 -1.40 -22.03
CA TYR B 180 6.49 -0.06 -22.40
C TYR B 180 5.53 0.65 -23.35
N ILE B 181 4.41 -0.02 -23.64
CA ILE B 181 3.35 0.48 -24.53
C ILE B 181 3.83 1.25 -25.76
N GLY B 182 4.76 0.64 -26.50
CA GLY B 182 5.33 1.24 -27.70
C GLY B 182 6.49 0.39 -28.19
N ASP B 183 7.61 1.03 -28.47
CA ASP B 183 8.78 0.30 -28.95
C ASP B 183 9.70 0.03 -27.77
N PRO B 184 9.85 -1.22 -27.32
CA PRO B 184 10.68 -1.48 -26.14
C PRO B 184 12.15 -1.29 -26.41
N TYR B 185 12.57 -1.28 -27.68
CA TYR B 185 13.98 -1.10 -27.99
C TYR B 185 14.43 0.33 -27.79
N THR B 186 13.49 1.28 -27.73
CA THR B 186 13.84 2.66 -27.42
C THR B 186 13.69 2.99 -25.95
N GLY B 187 13.28 2.03 -25.12
CA GLY B 187 12.96 2.32 -23.73
C GLY B 187 14.17 2.23 -22.81
N SER B 188 14.00 2.79 -21.60
CA SER B 188 15.02 2.77 -20.55
C SER B 188 14.83 1.55 -19.67
N ALA B 189 15.88 0.72 -19.55
CA ALA B 189 15.81 -0.48 -18.72
C ALA B 189 15.61 -0.14 -17.24
N LEU B 190 15.91 1.08 -16.82
CA LEU B 190 15.74 1.44 -15.41
C LEU B 190 14.27 1.41 -15.00
N MET B 191 13.36 1.60 -15.97
CA MET B 191 11.94 1.49 -15.66
C MET B 191 11.62 0.10 -15.14
N ALA B 192 12.04 -0.93 -15.89
CA ALA B 192 11.77 -2.31 -15.51
C ALA B 192 12.44 -2.67 -14.19
N LYS B 193 13.65 -2.14 -13.96
CA LYS B 193 14.32 -2.41 -12.68
C LYS B 193 13.55 -1.79 -11.52
N GLN B 194 12.99 -0.60 -11.70
CA GLN B 194 12.22 -0.03 -10.61
C GLN B 194 10.92 -0.79 -10.39
N TRP B 195 10.28 -1.26 -11.47
CA TRP B 195 9.11 -2.13 -11.29
C TRP B 195 9.46 -3.33 -10.43
N GLY B 196 10.61 -3.97 -10.72
CA GLY B 196 11.04 -5.07 -9.88
C GLY B 196 11.17 -4.66 -8.43
N ALA B 197 11.84 -3.54 -8.18
CA ALA B 197 12.07 -3.13 -6.78
C ALA B 197 10.76 -2.83 -6.05
N LEU B 198 9.76 -2.29 -6.76
CA LEU B 198 8.45 -2.07 -6.15
C LEU B 198 7.66 -3.37 -5.96
N SER B 199 8.16 -4.49 -6.52
CA SER B 199 7.49 -5.77 -6.52
C SER B 199 8.33 -6.83 -5.80
N ASP B 200 9.13 -6.40 -4.83
CA ASP B 200 9.99 -7.31 -4.04
C ASP B 200 10.90 -8.14 -4.95
N ASN B 201 11.22 -7.58 -6.12
CA ASN B 201 12.11 -8.19 -7.11
C ASN B 201 11.67 -9.60 -7.49
N ARG B 202 10.35 -9.82 -7.60
CA ARG B 202 9.83 -11.11 -8.01
C ARG B 202 8.82 -10.93 -9.13
N TYR B 203 9.04 -11.63 -10.25
CA TYR B 203 8.17 -11.46 -11.41
C TYR B 203 6.72 -11.77 -11.06
N ARG B 204 6.48 -12.82 -10.27
CA ARG B 204 5.11 -13.18 -9.91
C ARG B 204 4.43 -12.04 -9.16
N VAL B 205 5.17 -11.35 -8.30
CA VAL B 205 4.57 -10.24 -7.58
C VAL B 205 4.30 -9.07 -8.52
N MET B 206 5.24 -8.80 -9.44
CA MET B 206 5.04 -7.71 -10.40
C MET B 206 3.78 -7.93 -11.22
N GLU B 207 3.54 -9.17 -11.63
CA GLU B 207 2.34 -9.49 -12.40
C GLU B 207 1.09 -9.45 -11.53
N ASP B 208 1.19 -9.91 -10.27
CA ASP B 208 0.06 -9.76 -9.35
C ASP B 208 -0.36 -8.31 -9.23
N ILE B 209 0.61 -7.40 -9.20
CA ILE B 209 0.33 -5.99 -8.92
C ILE B 209 -0.27 -5.31 -10.15
N THR B 210 0.20 -5.67 -11.35
CA THR B 210 -0.08 -4.91 -12.56
C THR B 210 -1.05 -5.57 -13.51
N LEU B 211 -1.37 -6.84 -13.34
CA LEU B 211 -2.07 -7.56 -14.40
C LEU B 211 -2.97 -8.67 -13.86
N LYS B 212 -3.51 -8.52 -12.64
CA LYS B 212 -4.29 -9.60 -12.07
C LYS B 212 -5.67 -9.17 -11.58
N TRP B 213 -5.73 -8.25 -10.62
CA TRP B 213 -6.99 -7.90 -9.96
C TRP B 213 -7.69 -6.71 -10.65
N LYS B 214 -8.95 -6.91 -11.06
CA LYS B 214 -9.78 -5.90 -11.69
C LYS B 214 -10.87 -5.43 -10.74
N LEU B 215 -11.27 -4.17 -10.89
CA LEU B 215 -12.39 -3.61 -10.13
C LEU B 215 -13.71 -4.04 -10.76
N ASN B 216 -14.54 -4.77 -10.00
CA ASN B 216 -15.84 -5.19 -10.53
C ASN B 216 -16.64 -3.99 -11.02
N ASN B 217 -16.56 -2.87 -10.30
CA ASN B 217 -17.32 -1.68 -10.61
C ASN B 217 -16.53 -0.66 -11.41
N GLY B 218 -15.33 -1.02 -11.89
CA GLY B 218 -14.57 -0.19 -12.79
C GLY B 218 -13.83 0.91 -12.07
N MET B 219 -12.89 1.53 -12.78
CA MET B 219 -12.22 2.71 -12.25
C MET B 219 -13.22 3.83 -11.97
N ARG B 220 -14.37 3.83 -12.64
CA ARG B 220 -15.30 4.91 -12.39
C ARG B 220 -15.82 4.90 -10.96
N SER B 221 -15.89 3.72 -10.32
CA SER B 221 -16.29 3.70 -8.92
C SER B 221 -15.35 4.54 -8.07
N LEU B 222 -14.08 4.62 -8.48
CA LEU B 222 -13.14 5.45 -7.73
C LEU B 222 -13.18 6.91 -8.19
N TYR B 223 -13.13 7.18 -9.49
CA TYR B 223 -13.05 8.59 -9.85
C TYR B 223 -14.40 9.29 -9.67
N ASP B 224 -15.51 8.59 -9.82
CA ASP B 224 -16.78 9.22 -9.44
C ASP B 224 -16.88 9.39 -7.92
N GLY B 225 -16.24 8.50 -7.15
CA GLY B 225 -16.23 8.67 -5.71
C GLY B 225 -15.49 9.93 -5.28
N ILE B 226 -14.28 10.13 -5.81
CA ILE B 226 -13.54 11.33 -5.49
C ILE B 226 -14.31 12.58 -5.95
N ALA B 227 -14.82 12.55 -7.19
CA ALA B 227 -15.56 13.71 -7.68
C ALA B 227 -16.75 14.02 -6.81
N GLY B 228 -17.46 12.98 -6.35
CA GLY B 228 -18.61 13.16 -5.48
C GLY B 228 -18.28 13.79 -4.14
N ASP B 229 -17.02 13.69 -3.68
CA ASP B 229 -16.62 14.39 -2.46
C ASP B 229 -16.43 15.89 -2.65
N LEU B 230 -16.34 16.36 -3.91
CA LEU B 230 -15.91 17.73 -4.16
C LEU B 230 -17.07 18.71 -3.99
N ASN B 231 -16.80 19.83 -3.33
CA ASN B 231 -17.83 20.82 -3.07
C ASN B 231 -17.82 21.95 -4.10
N THR B 232 -17.02 21.82 -5.15
CA THR B 232 -16.92 22.82 -6.22
C THR B 232 -17.13 22.12 -7.55
N ASP B 233 -18.05 22.64 -8.36
CA ASP B 233 -18.37 22.01 -9.64
C ASP B 233 -17.16 21.98 -10.57
N ILE B 234 -16.94 20.81 -11.19
CA ILE B 234 -15.91 20.69 -12.21
C ILE B 234 -16.42 21.36 -13.48
N ARG B 235 -15.60 22.22 -14.06
CA ARG B 235 -15.98 22.88 -15.31
C ARG B 235 -15.56 21.98 -16.47
N LEU B 236 -16.50 21.23 -16.99
CA LEU B 236 -16.30 20.39 -18.17
C LEU B 236 -16.32 21.24 -19.44
N ASN B 237 -15.83 20.64 -20.53
CA ASN B 237 -15.80 21.29 -21.84
C ASN B 237 -15.09 22.64 -21.80
N THR B 238 -14.05 22.73 -20.98
CA THR B 238 -13.32 23.98 -20.75
C THR B 238 -11.83 23.74 -20.96
N PRO B 239 -11.39 23.58 -22.21
CA PRO B 239 -9.97 23.34 -22.45
C PRO B 239 -9.14 24.60 -22.20
N VAL B 240 -8.02 24.42 -21.52
CA VAL B 240 -7.07 25.49 -21.26
C VAL B 240 -6.15 25.63 -22.47
N ALA B 241 -5.96 26.87 -22.93
CA ALA B 241 -5.08 27.16 -24.06
C ALA B 241 -3.79 27.85 -23.67
N LYS B 242 -3.76 28.58 -22.55
CA LYS B 242 -2.57 29.30 -22.14
C LYS B 242 -2.46 29.29 -20.62
N VAL B 243 -1.22 29.25 -20.14
CA VAL B 243 -0.92 29.36 -18.71
C VAL B 243 0.13 30.44 -18.52
N GLU B 244 -0.22 31.49 -17.78
CA GLU B 244 0.74 32.50 -17.35
C GLU B 244 1.02 32.27 -15.87
N HIS B 245 2.29 32.33 -15.49
CA HIS B 245 2.68 32.17 -14.09
C HIS B 245 3.69 33.24 -13.73
N HIS B 246 3.35 34.09 -12.75
CA HIS B 246 4.21 35.14 -12.22
C HIS B 246 4.39 34.93 -10.71
N ASP B 247 4.97 35.93 -10.03
CA ASP B 247 5.40 35.70 -8.66
C ASP B 247 4.21 35.66 -7.68
N ASN B 248 3.25 36.58 -7.83
CA ASN B 248 2.14 36.56 -6.90
C ASN B 248 1.02 35.59 -7.31
N GLY B 249 1.14 34.92 -8.45
CA GLY B 249 0.08 34.04 -8.88
C GLY B 249 0.23 33.67 -10.35
N ALA B 250 -0.86 33.16 -10.89
CA ALA B 250 -0.84 32.63 -12.24
C ALA B 250 -2.11 33.06 -12.96
N THR B 251 -2.13 32.83 -14.27
CA THR B 251 -3.26 33.16 -15.12
C THR B 251 -3.48 32.02 -16.10
N VAL B 252 -4.74 31.62 -16.26
CA VAL B 252 -5.12 30.60 -17.22
C VAL B 252 -6.12 31.20 -18.20
N THR B 253 -5.89 30.98 -19.50
CA THR B 253 -6.80 31.40 -20.55
C THR B 253 -7.37 30.16 -21.23
N THR B 254 -8.69 30.05 -21.28
CA THR B 254 -9.32 28.94 -21.97
C THR B 254 -9.33 29.17 -23.48
N GLU B 255 -9.69 28.12 -24.22
CA GLU B 255 -9.74 28.21 -25.67
C GLU B 255 -10.71 29.30 -26.13
N SER B 256 -11.82 29.46 -25.40
CA SER B 256 -12.80 30.50 -25.70
C SER B 256 -12.31 31.91 -25.37
N GLY B 257 -11.07 32.07 -24.89
CA GLY B 257 -10.54 33.37 -24.54
C GLY B 257 -10.84 33.83 -23.12
N GLU B 258 -11.51 33.01 -22.32
CA GLU B 258 -11.84 33.40 -20.96
C GLU B 258 -10.60 33.35 -20.08
N VAL B 259 -10.46 34.37 -19.24
CA VAL B 259 -9.28 34.55 -18.38
C VAL B 259 -9.69 34.23 -16.96
N ILE B 260 -8.91 33.38 -16.29
CA ILE B 260 -9.21 32.95 -14.93
C ILE B 260 -7.99 33.19 -14.07
N GLU B 261 -8.18 33.92 -12.97
CA GLU B 261 -7.08 34.25 -12.09
C GLU B 261 -6.85 33.14 -11.08
N ALA B 262 -5.58 32.85 -10.78
CA ALA B 262 -5.25 31.81 -9.84
C ALA B 262 -4.07 32.21 -8.95
N SER B 263 -4.03 31.65 -7.73
CA SER B 263 -2.84 31.76 -6.90
C SER B 263 -1.76 30.78 -7.32
N ALA B 264 -2.14 29.62 -7.84
CA ALA B 264 -1.20 28.64 -8.37
C ALA B 264 -1.97 27.75 -9.35
N VAL B 265 -1.23 27.10 -10.24
CA VAL B 265 -1.81 26.20 -11.24
C VAL B 265 -1.22 24.81 -11.02
N ILE B 266 -2.10 23.81 -10.92
CA ILE B 266 -1.69 22.41 -10.93
C ILE B 266 -2.07 21.83 -12.29
N CYS B 267 -1.07 21.50 -13.10
CA CYS B 267 -1.31 21.08 -14.48
C CYS B 267 -1.11 19.57 -14.57
N THR B 268 -2.20 18.84 -14.85
CA THR B 268 -2.13 17.38 -14.98
C THR B 268 -2.20 16.93 -16.44
N VAL B 269 -2.14 17.85 -17.38
CA VAL B 269 -2.14 17.50 -18.80
C VAL B 269 -0.94 16.63 -19.10
N PRO B 270 -1.10 15.47 -19.74
CA PRO B 270 0.05 14.62 -20.02
C PRO B 270 0.97 15.24 -21.06
N VAL B 271 2.21 14.76 -21.04
CA VAL B 271 3.23 15.27 -21.95
C VAL B 271 2.76 15.20 -23.41
N GLY B 272 2.06 14.13 -23.78
CA GLY B 272 1.59 14.00 -25.15
C GLY B 272 0.61 15.08 -25.58
N ALA B 273 0.07 15.83 -24.62
CA ALA B 273 -0.92 16.86 -24.88
C ALA B 273 -0.49 18.25 -24.42
N LEU B 274 0.72 18.42 -23.88
CA LEU B 274 1.15 19.75 -23.44
C LEU B 274 1.34 20.71 -24.60
N SER B 275 1.56 20.23 -25.83
CA SER B 275 1.72 21.12 -26.97
C SER B 275 0.50 22.00 -27.21
N ASN B 276 -0.68 21.57 -26.74
CA ASN B 276 -1.87 22.40 -26.90
C ASN B 276 -1.82 23.66 -26.04
N ILE B 277 -0.90 23.76 -25.10
CA ILE B 277 -0.88 24.85 -24.13
C ILE B 277 0.36 25.69 -24.38
N GLU B 278 0.18 27.00 -24.45
CA GLU B 278 1.29 27.95 -24.55
C GLU B 278 1.58 28.46 -23.14
N PHE B 279 2.82 28.30 -22.71
CA PHE B 279 3.25 28.68 -21.37
C PHE B 279 4.05 29.98 -21.42
N SER B 280 3.72 30.90 -20.51
CA SER B 280 4.39 32.20 -20.44
C SER B 280 4.77 32.48 -19.00
N PRO B 281 6.08 32.54 -18.67
CA PRO B 281 7.20 32.32 -19.59
C PRO B 281 7.31 30.90 -20.09
N ALA B 282 8.15 30.67 -21.10
CA ALA B 282 8.30 29.33 -21.65
C ALA B 282 8.83 28.39 -20.59
N LEU B 283 8.46 27.11 -20.71
CA LEU B 283 8.97 26.10 -19.81
C LEU B 283 10.49 26.03 -19.94
N PRO B 284 11.19 25.60 -18.88
CA PRO B 284 12.64 25.42 -18.99
C PRO B 284 13.00 24.55 -20.19
N ASP B 285 14.19 24.78 -20.73
CA ASP B 285 14.62 24.10 -21.95
C ASP B 285 14.65 22.58 -21.75
N ALA B 286 15.17 22.11 -20.61
CA ALA B 286 15.27 20.66 -20.38
C ALA B 286 13.90 20.00 -20.34
N VAL B 287 12.90 20.71 -19.83
CA VAL B 287 11.54 20.20 -19.85
C VAL B 287 11.00 20.16 -21.28
N GLN B 288 11.23 21.23 -22.06
CA GLN B 288 10.80 21.25 -23.45
C GLN B 288 11.40 20.09 -24.25
N SER B 289 12.62 19.69 -23.92
CA SER B 289 13.26 18.59 -24.62
C SER B 289 12.51 17.28 -24.38
N VAL B 290 12.01 17.04 -23.17
CA VAL B 290 11.20 15.84 -22.93
C VAL B 290 9.88 15.93 -23.68
N ILE B 291 9.23 17.09 -23.65
CA ILE B 291 7.98 17.27 -24.38
C ILE B 291 8.19 17.00 -25.87
N ASP B 292 9.28 17.52 -26.44
CA ASP B 292 9.59 17.27 -27.86
C ASP B 292 9.78 15.79 -28.13
N ASP B 293 10.46 15.12 -27.21
CA ASP B 293 10.69 13.69 -27.33
C ASP B 293 9.60 12.92 -26.58
N LYS B 294 8.85 13.64 -25.74
CA LYS B 294 7.76 13.07 -24.96
C LYS B 294 8.18 11.80 -24.21
N TRP B 295 7.32 10.79 -24.26
CA TRP B 295 7.60 9.52 -23.59
C TRP B 295 7.69 8.40 -24.61
N ASN B 296 7.75 7.16 -24.13
CA ASN B 296 7.84 6.00 -25.01
C ASN B 296 6.47 5.39 -25.37
N SER B 297 5.35 5.99 -24.98
CA SER B 297 4.04 5.32 -25.04
C SER B 297 3.29 5.66 -26.32
N GLN B 298 3.51 4.86 -27.35
CA GLN B 298 2.86 5.05 -28.64
C GLN B 298 1.97 3.88 -29.01
N GLY B 299 1.74 2.95 -28.08
CA GLY B 299 0.98 1.75 -28.34
C GLY B 299 -0.50 1.92 -28.11
N ALA B 300 -1.21 0.80 -27.97
CA ALA B 300 -2.66 0.84 -27.93
C ALA B 300 -3.20 -0.40 -27.23
N LYS B 301 -4.40 -0.25 -26.68
CA LYS B 301 -5.09 -1.32 -25.98
C LYS B 301 -6.39 -1.60 -26.70
N ILE B 302 -6.66 -2.89 -26.94
CA ILE B 302 -7.83 -3.34 -27.70
C ILE B 302 -8.62 -4.33 -26.84
N TRP B 303 -9.93 -4.39 -27.10
CA TRP B 303 -10.81 -5.43 -26.57
C TRP B 303 -11.42 -6.18 -27.76
N ILE B 304 -11.20 -7.49 -27.82
CA ILE B 304 -11.66 -8.34 -28.92
C ILE B 304 -12.65 -9.35 -28.37
N LYS B 305 -13.73 -9.57 -29.12
CA LYS B 305 -14.71 -10.59 -28.77
C LYS B 305 -14.71 -11.69 -29.82
N ILE B 306 -14.54 -12.94 -29.39
CA ILE B 306 -14.57 -14.08 -30.29
C ILE B 306 -15.75 -14.98 -29.91
N LYS B 307 -16.17 -15.79 -30.88
CA LYS B 307 -17.16 -16.83 -30.58
C LYS B 307 -16.56 -17.93 -29.73
N GLY B 308 -17.40 -18.51 -28.87
CA GLY B 308 -16.99 -19.60 -28.01
C GLY B 308 -16.36 -19.11 -26.72
N HIS B 309 -16.19 -20.05 -25.80
CA HIS B 309 -15.48 -19.82 -24.55
C HIS B 309 -14.09 -20.41 -24.69
N HIS B 310 -13.08 -19.56 -24.68
CA HIS B 310 -11.71 -19.98 -24.94
C HIS B 310 -10.79 -19.34 -23.93
N ARG B 311 -9.96 -20.16 -23.28
CA ARG B 311 -8.95 -19.68 -22.34
C ARG B 311 -7.68 -19.48 -23.15
N PHE B 312 -7.39 -18.23 -23.51
CA PHE B 312 -6.39 -17.91 -24.50
C PHE B 312 -5.37 -16.92 -23.96
N LEU B 313 -4.09 -17.19 -24.24
CA LEU B 313 -3.01 -16.23 -24.03
C LEU B 313 -2.10 -16.23 -25.25
N GLY B 314 -1.84 -15.06 -25.81
CA GLY B 314 -0.97 -14.93 -26.97
C GLY B 314 0.13 -13.92 -26.75
N TYR B 315 1.34 -14.27 -27.16
CA TYR B 315 2.52 -13.42 -27.11
C TYR B 315 3.10 -13.33 -28.51
N ALA B 316 3.51 -12.12 -28.93
CA ALA B 316 4.13 -12.00 -30.23
C ALA B 316 5.04 -10.79 -30.22
N PRO B 317 6.24 -10.90 -30.76
CA PRO B 317 7.21 -9.81 -30.69
C PRO B 317 6.90 -8.71 -31.71
N LYS B 318 7.54 -7.57 -31.50
CA LYS B 318 7.53 -6.50 -32.48
C LYS B 318 7.84 -7.08 -33.87
N PRO B 319 7.19 -6.59 -34.94
CA PRO B 319 6.20 -5.51 -35.04
C PRO B 319 4.75 -6.00 -35.10
N ALA B 320 4.39 -7.02 -34.30
CA ALA B 320 3.03 -7.52 -34.30
C ALA B 320 2.02 -6.41 -34.01
N LYS B 321 0.83 -6.53 -34.60
CA LYS B 321 -0.25 -5.59 -34.29
C LYS B 321 -0.54 -5.57 -32.79
N MET B 322 -0.55 -6.74 -32.16
CA MET B 322 -0.74 -6.87 -30.72
C MET B 322 0.29 -7.86 -30.19
N SER B 323 0.92 -7.52 -29.06
CA SER B 323 2.00 -8.35 -28.54
C SER B 323 1.61 -9.23 -27.39
N VAL B 324 0.55 -8.87 -26.66
CA VAL B 324 0.05 -9.69 -25.56
C VAL B 324 -1.48 -9.63 -25.62
N VAL B 325 -2.13 -10.79 -25.74
CA VAL B 325 -3.58 -10.89 -25.79
C VAL B 325 -4.00 -11.97 -24.80
N ARG B 326 -5.03 -11.70 -23.99
CA ARG B 326 -5.44 -12.65 -22.96
C ARG B 326 -6.96 -12.62 -22.76
N SER B 327 -7.55 -13.79 -22.60
CA SER B 327 -8.96 -13.89 -22.25
C SER B 327 -9.24 -13.13 -20.95
N GLU B 328 -10.36 -12.41 -20.91
CA GLU B 328 -10.71 -11.68 -19.70
C GLU B 328 -12.13 -11.92 -19.22
N TYR B 329 -13.11 -12.07 -20.12
CA TYR B 329 -14.49 -12.30 -19.70
C TYR B 329 -15.12 -13.37 -20.56
N PHE B 330 -15.87 -14.26 -19.91
CA PHE B 330 -16.63 -15.28 -20.61
C PHE B 330 -18.10 -14.87 -20.52
N MET B 331 -18.72 -14.57 -21.66
CA MET B 331 -20.12 -14.14 -21.65
C MET B 331 -21.11 -15.25 -21.30
N ASP B 332 -22.34 -14.73 -21.35
CA ASP B 332 -23.61 -15.41 -21.19
C ASP B 332 -24.04 -15.93 -22.51
N ASP B 333 -23.52 -15.37 -23.59
CA ASP B 333 -23.67 -15.97 -24.87
C ASP B 333 -22.41 -16.90 -25.05
N ASP B 334 -22.13 -17.37 -26.22
CA ASP B 334 -20.96 -18.25 -26.30
C ASP B 334 -19.85 -17.41 -26.76
N THR B 335 -19.48 -16.31 -26.04
CA THR B 335 -18.44 -15.44 -26.54
C THR B 335 -17.42 -15.16 -25.44
N THR B 336 -16.20 -14.83 -25.86
CA THR B 336 -15.11 -14.51 -24.95
C THR B 336 -14.58 -13.14 -25.31
N ILE B 337 -14.41 -12.28 -24.31
CA ILE B 337 -13.78 -10.98 -24.51
C ILE B 337 -12.32 -11.10 -24.06
N LEU B 338 -11.41 -10.74 -24.97
CA LEU B 338 -9.99 -10.74 -24.71
C LEU B 338 -9.50 -9.29 -24.69
N VAL B 339 -8.43 -9.05 -23.93
CA VAL B 339 -7.77 -7.74 -23.93
C VAL B 339 -6.45 -7.91 -24.64
N GLY B 340 -5.99 -6.85 -25.28
CA GLY B 340 -4.72 -6.90 -25.99
C GLY B 340 -3.99 -5.58 -25.87
N PHE B 341 -2.65 -5.69 -25.94
CA PHE B 341 -1.75 -4.55 -25.89
C PHE B 341 -0.77 -4.64 -27.04
N GLY B 342 -0.58 -3.52 -27.74
CA GLY B 342 0.35 -3.51 -28.87
C GLY B 342 1.23 -2.28 -28.83
N TYR B 343 2.37 -2.39 -29.53
CA TYR B 343 3.40 -1.36 -29.43
C TYR B 343 3.19 -0.15 -30.35
N ASP B 344 2.29 -0.20 -31.34
CA ASP B 344 2.22 0.88 -32.33
C ASP B 344 0.76 1.18 -32.67
N ASN B 345 0.24 2.30 -32.17
CA ASN B 345 -1.17 2.60 -32.36
C ASN B 345 -1.50 2.78 -33.84
N THR B 346 -0.52 3.15 -34.65
CA THR B 346 -0.81 3.44 -36.06
C THR B 346 -0.94 2.18 -36.91
N ASN B 347 -0.64 1.00 -36.36
CA ASN B 347 -0.70 -0.23 -37.14
C ASN B 347 -1.96 -1.03 -36.88
N ILE B 348 -2.92 -0.47 -36.14
CA ILE B 348 -4.15 -1.20 -35.86
C ILE B 348 -5.30 -0.21 -35.68
N ASP B 349 -6.43 -0.54 -36.27
CA ASP B 349 -7.70 0.15 -36.06
C ASP B 349 -8.44 -0.66 -35.00
N LEU B 350 -8.55 -0.10 -33.78
CA LEU B 350 -9.09 -0.85 -32.65
C LEU B 350 -10.54 -1.23 -32.85
N ASN B 351 -11.22 -0.59 -33.79
CA ASN B 351 -12.64 -0.78 -34.00
C ASN B 351 -12.92 -1.48 -35.32
N SER B 352 -11.90 -2.07 -35.94
CA SER B 352 -12.04 -2.82 -37.18
C SER B 352 -12.03 -4.32 -36.91
N ILE B 353 -13.15 -4.98 -37.21
CA ILE B 353 -13.24 -6.42 -37.04
C ILE B 353 -12.16 -7.13 -37.85
N GLU B 354 -11.86 -6.64 -39.05
CA GLU B 354 -10.79 -7.25 -39.86
C GLU B 354 -9.44 -7.15 -39.17
N ASP B 355 -9.12 -5.99 -38.60
CA ASP B 355 -7.85 -5.85 -37.88
C ASP B 355 -7.80 -6.75 -36.65
N ALA B 356 -8.90 -6.83 -35.90
CA ALA B 356 -8.91 -7.74 -34.75
C ALA B 356 -8.77 -9.19 -35.20
N GLN B 357 -9.40 -9.56 -36.31
CA GLN B 357 -9.22 -10.92 -36.82
C GLN B 357 -7.76 -11.15 -37.21
N ALA B 358 -7.11 -10.13 -37.78
CA ALA B 358 -5.69 -10.26 -38.10
C ALA B 358 -4.87 -10.50 -36.84
N VAL B 359 -5.27 -9.87 -35.73
CA VAL B 359 -4.56 -10.09 -34.47
C VAL B 359 -4.71 -11.53 -34.01
N ILE B 360 -5.94 -12.04 -34.01
CA ILE B 360 -6.16 -13.42 -33.55
C ILE B 360 -5.43 -14.40 -34.46
N ASN B 361 -5.43 -14.12 -35.76
CA ASN B 361 -4.73 -14.97 -36.74
C ASN B 361 -3.22 -14.98 -36.55
N GLN B 362 -2.69 -14.12 -35.67
CA GLN B 362 -1.27 -14.22 -35.36
C GLN B 362 -0.95 -15.57 -34.77
N TRP B 363 -1.93 -16.23 -34.18
CA TRP B 363 -1.74 -17.43 -33.38
C TRP B 363 -2.60 -18.59 -33.82
N ARG B 364 -3.86 -18.34 -34.21
CA ARG B 364 -4.83 -19.42 -34.36
C ARG B 364 -5.84 -19.10 -35.44
N ASP B 365 -5.83 -19.92 -36.51
CA ASP B 365 -6.69 -19.74 -37.68
C ASP B 365 -8.12 -20.25 -37.47
N ASP B 366 -8.51 -20.62 -36.24
CA ASP B 366 -9.81 -21.23 -36.03
C ASP B 366 -10.70 -20.49 -35.04
N LEU B 367 -10.27 -19.35 -34.51
CA LEU B 367 -11.11 -18.53 -33.65
C LEU B 367 -11.67 -17.37 -34.46
N GLU B 368 -12.94 -17.02 -34.21
CA GLU B 368 -13.64 -16.07 -35.06
C GLU B 368 -14.01 -14.81 -34.29
N VAL B 369 -13.51 -13.67 -34.74
CA VAL B 369 -13.81 -12.37 -34.14
C VAL B 369 -15.22 -11.96 -34.56
N VAL B 370 -16.03 -11.54 -33.59
CA VAL B 370 -17.35 -11.01 -33.88
C VAL B 370 -17.49 -9.54 -33.50
N ASP B 371 -16.60 -8.99 -32.66
CA ASP B 371 -16.66 -7.58 -32.33
C ASP B 371 -15.29 -7.15 -31.80
N THR B 372 -15.07 -5.84 -31.79
CA THR B 372 -13.82 -5.28 -31.30
C THR B 372 -14.05 -3.82 -30.96
N THR B 373 -13.26 -3.32 -30.01
CA THR B 373 -13.42 -1.92 -29.62
C THR B 373 -12.16 -1.43 -28.92
N GLY B 374 -12.01 -0.11 -28.91
CA GLY B 374 -10.96 0.51 -28.13
C GLY B 374 -10.93 1.99 -28.41
N HIS B 375 -10.18 2.70 -27.58
CA HIS B 375 -9.97 4.14 -27.76
C HIS B 375 -8.49 4.38 -28.02
N ASN B 376 -8.17 5.03 -29.14
CA ASN B 376 -6.77 5.27 -29.46
C ASN B 376 -6.33 6.54 -28.73
N TRP B 377 -5.77 6.35 -27.52
CA TRP B 377 -5.31 7.49 -26.71
C TRP B 377 -4.25 8.31 -27.41
N VAL B 378 -3.40 7.68 -28.22
CA VAL B 378 -2.33 8.43 -28.88
C VAL B 378 -2.90 9.47 -29.85
N ALA B 379 -4.03 9.18 -30.48
CA ALA B 379 -4.66 10.08 -31.44
C ALA B 379 -5.72 10.96 -30.81
N ASP B 380 -5.80 10.97 -29.49
CA ASP B 380 -6.71 11.79 -28.68
C ASP B 380 -5.92 13.04 -28.30
N LYS B 381 -6.33 14.21 -28.80
CA LYS B 381 -5.50 15.39 -28.59
C LYS B 381 -5.34 15.75 -27.12
N TRP B 382 -6.26 15.32 -26.25
CA TRP B 382 -6.17 15.61 -24.82
C TRP B 382 -5.31 14.60 -24.06
N ALA B 383 -4.73 13.62 -24.75
CA ALA B 383 -3.86 12.63 -24.12
C ALA B 383 -2.57 12.53 -24.93
N GLY B 384 -2.67 12.07 -26.18
CA GLY B 384 -1.50 12.01 -27.05
C GLY B 384 -0.51 10.93 -26.68
N GLN B 385 -0.93 10.02 -25.87
CA GLN B 385 -0.12 8.93 -25.41
C GLN B 385 -0.97 7.94 -24.66
N ALA B 386 -0.44 6.77 -24.39
CA ALA B 386 -1.12 5.81 -23.52
C ALA B 386 -0.62 6.06 -22.07
N TRP B 387 -0.20 5.07 -21.32
CA TRP B 387 0.36 5.36 -20.00
C TRP B 387 1.81 5.76 -20.21
N GLY B 388 2.32 6.65 -19.38
CA GLY B 388 3.68 7.12 -19.60
C GLY B 388 4.71 6.03 -19.36
N THR B 389 5.63 5.88 -20.31
CA THR B 389 6.77 4.98 -20.16
C THR B 389 8.03 5.70 -20.66
N LEU B 390 9.19 5.20 -20.25
CA LEU B 390 10.45 5.94 -20.39
C LEU B 390 11.26 5.48 -21.60
N ARG B 391 11.64 6.44 -22.43
CA ARG B 391 12.71 6.24 -23.41
C ARG B 391 14.06 6.23 -22.71
N LYS B 392 15.08 5.73 -23.41
CA LYS B 392 16.46 5.82 -22.91
C LYS B 392 16.76 7.23 -22.46
N GLY B 393 17.34 7.35 -21.26
CA GLY B 393 17.74 8.62 -20.73
C GLY B 393 16.70 9.34 -19.90
N GLN B 394 15.44 8.94 -20.00
CA GLN B 394 14.37 9.66 -19.33
C GLN B 394 14.16 9.23 -17.88
N PHE B 395 14.83 8.17 -17.42
CA PHE B 395 14.73 7.85 -16.00
C PHE B 395 15.49 8.87 -15.16
N THR B 396 16.70 9.24 -15.58
CA THR B 396 17.51 10.19 -14.84
C THR B 396 17.36 11.63 -15.35
N GLN B 397 16.98 11.84 -16.61
CA GLN B 397 16.77 13.18 -17.15
C GLN B 397 15.46 13.23 -17.93
N GLY B 398 14.35 12.95 -17.21
CA GLY B 398 13.05 13.01 -17.83
C GLY B 398 11.94 13.37 -16.87
N TRP B 399 11.32 12.36 -16.25
CA TRP B 399 10.17 12.63 -15.40
C TRP B 399 10.51 13.55 -14.22
N SER B 400 11.74 13.49 -13.71
CA SER B 400 12.07 14.31 -12.55
C SER B 400 12.26 15.78 -12.88
N LEU B 401 12.38 16.14 -14.17
CA LEU B 401 12.60 17.54 -14.54
C LEU B 401 11.36 18.41 -14.38
N PHE B 402 10.19 17.81 -14.14
CA PHE B 402 8.94 18.56 -14.09
C PHE B 402 8.61 19.14 -12.72
N ASP B 403 9.44 18.94 -11.70
CA ASP B 403 9.14 19.56 -10.41
C ASP B 403 10.23 20.54 -9.99
N GLN B 408 2.15 30.08 -8.76
CA GLN B 408 3.24 29.28 -9.31
C GLN B 408 2.66 28.09 -10.07
N LEU B 409 3.50 27.34 -10.77
CA LEU B 409 3.07 26.29 -11.69
C LEU B 409 3.62 24.96 -11.24
N PHE B 410 2.74 23.99 -11.05
CA PHE B 410 3.10 22.65 -10.58
C PHE B 410 2.59 21.64 -11.60
N PHE B 411 3.44 20.66 -11.94
CA PHE B 411 3.05 19.55 -12.79
C PHE B 411 2.75 18.33 -11.93
N ALA B 412 1.55 17.79 -12.09
CA ALA B 412 1.08 16.65 -11.32
C ALA B 412 0.51 15.63 -12.30
N GLY B 413 0.58 14.37 -11.94
CA GLY B 413 0.08 13.34 -12.84
C GLY B 413 0.91 12.09 -12.66
N SER B 414 0.36 10.97 -13.15
CA SER B 414 1.03 9.70 -12.92
C SER B 414 2.43 9.69 -13.53
N ASP B 415 2.63 10.42 -14.63
CA ASP B 415 3.89 10.31 -15.34
C ASP B 415 5.06 10.97 -14.59
N TYR B 416 4.81 11.64 -13.47
CA TYR B 416 5.87 12.29 -12.70
C TYR B 416 6.02 11.71 -11.30
N ALA B 417 5.38 10.59 -11.01
CA ALA B 417 5.37 10.02 -9.67
C ALA B 417 6.73 9.41 -9.31
N TYR B 418 6.97 9.28 -8.01
CA TYR B 418 8.19 8.61 -7.56
C TYR B 418 8.07 7.09 -7.67
N GLY B 419 6.86 6.55 -7.46
CA GLY B 419 6.66 5.12 -7.36
C GLY B 419 6.20 4.46 -8.65
N TRP B 420 4.91 4.11 -8.73
CA TRP B 420 4.36 3.40 -9.89
C TRP B 420 4.04 4.40 -11.01
N ARG B 421 5.11 5.01 -11.52
CA ARG B 421 5.02 6.12 -12.46
C ARG B 421 4.38 5.71 -13.77
N GLY B 422 3.37 6.46 -14.20
CA GLY B 422 2.81 6.33 -15.54
C GLY B 422 1.88 5.15 -15.70
N VAL B 423 2.41 3.95 -15.43
CA VAL B 423 1.72 2.71 -15.72
C VAL B 423 0.52 2.49 -14.81
N CYS B 424 0.45 3.16 -13.65
CA CYS B 424 -0.58 2.88 -12.65
C CYS B 424 -1.29 4.15 -12.20
N VAL B 425 -2.60 3.98 -11.93
CA VAL B 425 -3.39 4.99 -11.23
C VAL B 425 -2.73 5.37 -9.91
N ASP B 426 -2.03 4.42 -9.28
CA ASP B 426 -1.34 4.71 -8.02
C ASP B 426 -0.43 5.92 -8.16
N GLY B 427 0.26 6.04 -9.30
CA GLY B 427 1.15 7.18 -9.50
C GLY B 427 0.39 8.49 -9.65
N ALA B 428 -0.78 8.45 -10.29
CA ALA B 428 -1.58 9.67 -10.39
C ALA B 428 -2.10 10.10 -9.03
N LEU B 429 -2.60 9.14 -8.23
CA LEU B 429 -3.09 9.48 -6.91
C LEU B 429 -1.97 9.97 -6.00
N GLU B 430 -0.79 9.34 -6.10
CA GLU B 430 0.38 9.80 -5.33
C GLU B 430 0.72 11.25 -5.69
N LYS B 431 0.97 11.49 -6.96
CA LYS B 431 1.53 12.78 -7.36
C LYS B 431 0.51 13.91 -7.28
N GLY B 432 -0.77 13.63 -7.56
CA GLY B 432 -1.78 14.65 -7.33
C GLY B 432 -1.85 15.06 -5.88
N MET B 433 -1.81 14.09 -4.98
CA MET B 433 -1.87 14.38 -3.55
C MET B 433 -0.63 15.13 -3.07
N THR B 434 0.57 14.68 -3.48
CA THR B 434 1.76 15.34 -2.97
C THR B 434 1.97 16.72 -3.60
N THR B 435 1.53 16.92 -4.85
CA THR B 435 1.60 18.27 -5.40
C THR B 435 0.66 19.22 -4.66
N ALA B 436 -0.55 18.77 -4.35
CA ALA B 436 -1.43 19.61 -3.55
C ALA B 436 -0.79 19.93 -2.20
N ARG B 437 -0.05 18.98 -1.64
CA ARG B 437 0.66 19.23 -0.39
C ARG B 437 1.72 20.32 -0.56
N GLN B 438 2.41 20.32 -1.71
CA GLN B 438 3.36 21.39 -1.99
C GLN B 438 2.67 22.75 -2.01
N VAL B 439 1.47 22.81 -2.59
CA VAL B 439 0.73 24.07 -2.59
C VAL B 439 0.29 24.43 -1.18
N ILE B 440 -0.20 23.44 -0.43
CA ILE B 440 -0.65 23.70 0.94
C ILE B 440 0.52 24.20 1.79
N ASN B 441 1.67 23.56 1.64
CA ASN B 441 2.87 23.95 2.38
C ASN B 441 3.45 25.25 1.86
N SER B 442 3.03 25.65 0.67
CA SER B 442 3.51 26.88 0.05
C SER B 442 2.58 28.04 0.35
N MET B 443 1.52 27.77 1.11
CA MET B 443 0.53 28.77 1.48
C MET B 443 0.03 29.57 0.28
N ARG B 444 -0.37 28.85 -0.76
CA ARG B 444 -0.87 29.50 -1.98
C ARG B 444 -2.40 29.55 -1.99
N1 TSS C . 7.00 -2.36 17.98
CA TSS C . 6.59 -3.27 16.89
CB TSS C . 5.69 -4.39 17.35
CG TSS C . 5.65 -5.65 16.48
CD1 TSS C . 4.94 -5.77 15.30
NE1 TSS C . 5.12 -7.00 14.83
CE2 TSS C . 5.93 -7.72 15.67
CD2 TSS C . 6.28 -6.91 16.72
CZ2 TSS C . 6.41 -9.06 15.58
CH2 TSS C . 7.24 -9.58 16.56
CZ3 TSS C . 7.61 -8.75 17.63
CE3 TSS C . 7.14 -7.43 17.73
PA FAD D . -5.15 4.39 20.33
O1A FAD D . -3.87 4.88 19.79
O2A FAD D . -5.07 3.51 21.59
O5B FAD D . -6.06 5.66 20.52
C5B FAD D . -7.15 5.67 21.46
C4B FAD D . -7.14 7.01 22.16
O4B FAD D . -8.29 7.13 23.00
C3B FAD D . -5.91 7.28 23.04
O3B FAD D . -5.33 8.54 22.74
C2B FAD D . -6.50 7.23 24.47
O2B FAD D . -5.78 8.08 25.37
C1B FAD D . -7.90 7.76 24.20
N9A FAD D . -8.89 7.41 25.21
C8A FAD D . -9.02 6.22 25.86
N7A FAD D . -10.05 6.17 26.68
C5A FAD D . -10.63 7.41 26.54
C6A FAD D . -11.76 8.01 27.15
N6A FAD D . -12.53 7.39 28.05
N1A FAD D . -12.06 9.27 26.81
C2A FAD D . -11.30 9.90 25.90
N3A FAD D . -10.22 9.44 25.27
C4A FAD D . -9.94 8.20 25.63
N1 FAD D . 2.18 -0.10 14.84
C2 FAD D . 3.01 -0.07 13.75
O2 FAD D . 2.60 0.14 12.61
N3 FAD D . 4.37 -0.24 13.93
C4 FAD D . 5.02 -0.48 15.13
O4 FAD D . 6.25 -0.64 15.17
C4X FAD D . 4.15 -0.54 16.28
N5 FAD D . 4.69 -0.73 17.47
C5X FAD D . 3.84 -0.76 18.57
C6 FAD D . 4.38 -0.98 19.84
C7 FAD D . 3.56 -1.00 20.97
C7M FAD D . 4.18 -1.24 22.33
C8 FAD D . 2.18 -0.82 20.83
C8M FAD D . 1.26 -0.83 22.03
C9 FAD D . 1.64 -0.60 19.56
C9A FAD D . 2.46 -0.57 18.45
N10 FAD D . 1.93 -0.33 17.16
C10 FAD D . 2.74 -0.33 16.05
C1' FAD D . 0.48 -0.23 16.95
C2' FAD D . -0.09 1.16 16.95
O2' FAD D . 0.38 1.88 18.09
C3' FAD D . -1.61 1.04 17.04
O3' FAD D . -2.12 0.06 16.15
C4' FAD D . -2.36 2.33 16.78
O4' FAD D . -1.59 3.41 17.32
C5' FAD D . -3.73 2.22 17.41
O5' FAD D . -4.41 3.47 17.23
P FAD D . -5.92 3.60 17.64
O1P FAD D . -6.28 5.04 17.25
O2P FAD D . -6.60 2.45 17.11
O3P FAD D . -5.89 3.50 19.25
N1 TSS E . -0.97 -0.30 -17.38
CA TSS E . -1.63 -1.60 -17.39
CB TSS E . -1.08 -2.50 -18.50
CG TSS E . 0.26 -3.16 -18.11
CD1 TSS E . 1.02 -2.83 -17.01
NE1 TSS E . 2.09 -3.62 -16.99
CE2 TSS E . 2.06 -4.47 -18.07
CD2 TSS E . 0.92 -4.21 -18.79
CZ2 TSS E . 2.97 -5.50 -18.47
CH2 TSS E . 2.73 -6.25 -19.61
CZ3 TSS E . 1.55 -6.00 -20.33
CE3 TSS E . 0.65 -4.99 -19.95
PA FAD F . -5.05 11.94 -17.16
O1A FAD F . -5.97 10.85 -16.77
O2A FAD F . -4.55 11.91 -18.59
O5B FAD F . -5.73 13.31 -16.78
C5B FAD F . -5.43 14.51 -17.52
C4B FAD F . -6.74 15.20 -17.81
O4B FAD F . -6.48 16.49 -18.39
C3B FAD F . -7.67 14.46 -18.79
O3B FAD F . -9.00 14.39 -18.27
C2B FAD F . -7.63 15.34 -20.06
O2B FAD F . -8.86 15.29 -20.76
C1B FAD F . -7.40 16.72 -19.45
N9A FAD F . -6.82 17.71 -20.33
C8A FAD F . -5.84 17.51 -21.27
N7A FAD F . -5.47 18.61 -21.89
C5A FAD F . -6.26 19.60 -21.32
C6A FAD F . -6.36 20.99 -21.52
N6A FAD F . -5.62 21.66 -22.41
N1A FAD F . -7.24 21.68 -20.77
C2A FAD F . -7.97 21.02 -19.87
N3A FAD F . -7.98 19.72 -19.60
C4A FAD F . -7.09 19.06 -20.34
N1 FAD F . -3.30 2.20 -14.48
C2 FAD F . -3.49 1.19 -13.59
O2 FAD F . -3.28 1.34 -12.37
N3 FAD F . -3.96 -0.04 -14.03
C4 FAD F . -4.24 -0.37 -15.36
O4 FAD F . -4.67 -1.49 -15.63
C4X FAD F . -4.04 0.72 -16.30
N5 FAD F . -4.32 0.50 -17.57
C5X FAD F . -4.12 1.54 -18.47
C6 FAD F . -4.41 1.33 -19.82
C7 FAD F . -4.23 2.35 -20.76
C7M FAD F . -4.56 2.10 -22.20
C8 FAD F . -3.77 3.61 -20.33
C8M FAD F . -3.58 4.73 -21.32
C9 FAD F . -3.49 3.82 -18.99
C9A FAD F . -3.66 2.80 -18.05
N10 FAD F . -3.40 2.99 -16.68
C10 FAD F . -3.56 1.97 -15.78
C1' FAD F . -2.80 4.25 -16.19
C2' FAD F . -3.79 5.25 -15.67
O2' FAD F . -4.88 5.37 -16.59
C3' FAD F . -3.05 6.59 -15.55
O3' FAD F . -1.84 6.42 -14.82
C4' FAD F . -3.88 7.69 -14.89
O4' FAD F . -5.24 7.49 -15.25
C5' FAD F . -3.36 9.03 -15.35
O5' FAD F . -3.98 10.06 -14.54
P FAD F . -3.54 11.56 -14.68
O1P FAD F . -4.59 12.29 -13.83
O2P FAD F . -2.09 11.60 -14.38
O3P FAD F . -3.76 11.92 -16.25
#